data_3WAU
#
_entry.id   3WAU
#
_cell.length_a   82.716
_cell.length_b   82.716
_cell.length_c   308.291
_cell.angle_alpha   90.00
_cell.angle_beta   90.00
_cell.angle_gamma   120.00
#
_symmetry.space_group_name_H-M   'H 3'
#
loop_
_entity.id
_entity.type
_entity.pdbx_description
1 polymer '4-O-beta-D-mannosyl-D-glucose phosphorylase'
2 non-polymer 'PHOSPHATE ION'
3 non-polymer (4S)-2-METHYL-2,4-PENTANEDIOL
4 non-polymer 1-O-phosphono-alpha-D-mannopyranose
5 water water
#
_entity_poly.entity_id   1
_entity_poly.type   'polypeptide(L)'
_entity_poly.pdbx_seq_one_letter_code
;MSLFNDKVAKLLAGHEALLMRKNEPVEEGNGVITRYRYPVLTAAHTPVFWRYDLNEETNPFLMERIGMNATLNAGAIKWD
GKYLMLVRVEGADRKSFFAVAESPNGIDNFRFWEYPVTLPEDVVPATNVYDMRLTAHEDGWIYGIFCAERHDDNAPIGDL
SSATATAGIARTKDLKNWERLPDLKTKSQQRNVVLHPEFVDGKYALYTRPQDGFIDTGSGGGIGWALIDDITHAEVGEEK
IIDKRYYHTIKEVKNGEGPHPIKTPQGWLHLAHGVRNCAAGLRYVLYMYMTSLDDPTRLIASPAGYFMAPVGEERIGDVS
NVLFSNGWIADDDGKVFIYYASSDTRMHVATSTIERLVDYCLHTPQDGFSSSASVEILKNLIERNLRLMK
;
_entity_poly.pdbx_strand_id   A,B
#
loop_
_chem_comp.id
_chem_comp.type
_chem_comp.name
_chem_comp.formula
M1P D-saccharide 1-O-phosphono-alpha-D-mannopyranose 'C6 H13 O9 P'
MPD non-polymer (4S)-2-METHYL-2,4-PENTANEDIOL 'C6 H14 O2'
PO4 non-polymer 'PHOSPHATE ION' 'O4 P -3'
#
# COMPACT_ATOMS: atom_id res chain seq x y z
N SER A 2 -11.54 11.46 16.44
CA SER A 2 -12.36 10.36 16.92
C SER A 2 -12.00 9.07 16.22
N LEU A 3 -12.35 7.94 16.83
CA LEU A 3 -12.07 6.64 16.24
C LEU A 3 -12.78 6.42 14.91
N PHE A 4 -14.03 6.88 14.82
CA PHE A 4 -14.80 6.73 13.59
C PHE A 4 -14.20 7.54 12.45
N ASN A 5 -13.90 8.81 12.72
CA ASN A 5 -13.29 9.65 11.70
C ASN A 5 -11.94 9.13 11.25
N ASP A 6 -11.18 8.56 12.18
CA ASP A 6 -9.92 7.93 11.82
C ASP A 6 -10.14 6.73 10.90
N LYS A 7 -11.16 5.93 11.20
CA LYS A 7 -11.49 4.77 10.36
C LYS A 7 -11.88 5.19 8.93
N VAL A 8 -12.68 6.25 8.81
CA VAL A 8 -13.06 6.75 7.50
C VAL A 8 -11.82 7.25 6.76
N ALA A 9 -10.97 7.99 7.46
CA ALA A 9 -9.75 8.51 6.85
C ALA A 9 -8.87 7.39 6.31
N LYS A 10 -8.78 6.29 7.05
CA LYS A 10 -7.98 5.15 6.62
C LYS A 10 -8.58 4.44 5.40
N LEU A 11 -9.90 4.31 5.38
CA LEU A 11 -10.59 3.74 4.21
C LEU A 11 -10.28 4.54 2.95
N LEU A 12 -10.35 5.86 3.07
CA LEU A 12 -10.13 6.73 1.92
C LEU A 12 -8.66 6.67 1.48
N ALA A 13 -7.76 6.68 2.44
CA ALA A 13 -6.32 6.68 2.15
C ALA A 13 -5.88 5.38 1.50
N GLY A 14 -6.39 4.27 2.00
CA GLY A 14 -6.05 2.96 1.45
C GLY A 14 -6.61 2.84 0.05
N HIS A 15 -7.78 3.43 -0.15
CA HIS A 15 -8.42 3.40 -1.46
C HIS A 15 -7.60 4.19 -2.48
N GLU A 16 -7.11 5.36 -2.08
CA GLU A 16 -6.29 6.16 -2.98
C GLU A 16 -4.96 5.45 -3.31
N ALA A 17 -4.37 4.79 -2.32
CA ALA A 17 -3.14 4.04 -2.54
C ALA A 17 -3.36 2.93 -3.56
N LEU A 18 -4.47 2.20 -3.43
CA LEU A 18 -4.83 1.20 -4.43
C LEU A 18 -5.00 1.82 -5.81
N LEU A 19 -5.79 2.90 -5.89
CA LEU A 19 -6.12 3.51 -7.18
C LEU A 19 -4.90 4.04 -7.92
N MET A 20 -3.92 4.52 -7.16
CA MET A 20 -2.76 5.18 -7.77
C MET A 20 -1.59 4.25 -8.05
N ARG A 21 -1.71 2.98 -7.67
CA ARG A 21 -0.61 2.04 -7.83
C ARG A 21 -0.15 1.89 -9.27
N LYS A 22 1.16 2.04 -9.49
CA LYS A 22 1.74 1.96 -10.81
C LYS A 22 1.76 0.50 -11.29
N ASN A 23 1.26 0.28 -12.49
CA ASN A 23 1.28 -1.06 -13.04
C ASN A 23 2.66 -1.31 -13.64
N GLU A 24 3.04 -2.57 -13.74
CA GLU A 24 4.31 -2.93 -14.32
C GLU A 24 4.10 -4.03 -15.32
N PRO A 25 4.80 -3.96 -16.47
CA PRO A 25 4.60 -5.02 -17.45
C PRO A 25 5.24 -6.31 -16.97
N VAL A 26 4.69 -7.43 -17.43
CA VAL A 26 5.28 -8.72 -17.18
C VAL A 26 6.33 -8.95 -18.27
N GLU A 27 7.59 -9.13 -17.86
CA GLU A 27 8.66 -9.23 -18.86
C GLU A 27 8.67 -10.58 -19.57
N GLU A 28 8.08 -11.60 -18.97
CA GLU A 28 7.92 -12.87 -19.68
C GLU A 28 6.67 -12.84 -20.56
N GLY A 29 6.88 -12.93 -21.87
CA GLY A 29 5.77 -12.89 -22.81
C GLY A 29 6.07 -13.60 -24.10
N ASN A 30 5.16 -13.49 -25.06
CA ASN A 30 5.29 -14.21 -26.32
C ASN A 30 5.61 -13.30 -27.50
N GLY A 31 5.87 -12.03 -27.22
CA GLY A 31 6.22 -11.07 -28.27
C GLY A 31 5.03 -10.47 -29.00
N VAL A 32 3.84 -10.99 -28.72
CA VAL A 32 2.62 -10.49 -29.36
C VAL A 32 1.95 -9.49 -28.44
N ILE A 33 1.63 -9.94 -27.23
CA ILE A 33 1.04 -9.07 -26.22
C ILE A 33 1.88 -9.02 -24.96
N THR A 34 1.81 -7.88 -24.28
CA THR A 34 2.43 -7.72 -22.99
C THR A 34 1.36 -7.66 -21.92
N ARG A 35 1.43 -8.59 -20.97
CA ARG A 35 0.56 -8.59 -19.79
C ARG A 35 1.12 -7.68 -18.71
N TYR A 36 0.29 -7.36 -17.72
CA TYR A 36 0.68 -6.44 -16.65
C TYR A 36 0.47 -7.09 -15.29
N ARG A 37 1.28 -6.69 -14.31
CA ARG A 37 1.30 -7.35 -13.00
C ARG A 37 -0.04 -7.28 -12.26
N TYR A 38 -0.73 -6.16 -12.40
CA TYR A 38 -1.98 -5.95 -11.68
C TYR A 38 -3.17 -5.78 -12.60
N PRO A 39 -4.36 -6.19 -12.12
CA PRO A 39 -5.60 -5.84 -12.82
C PRO A 39 -5.73 -4.32 -12.94
N VAL A 40 -6.44 -3.83 -13.95
CA VAL A 40 -6.72 -2.41 -14.01
C VAL A 40 -7.93 -2.03 -13.18
N LEU A 41 -8.85 -2.98 -12.97
CA LEU A 41 -9.99 -2.77 -12.07
C LEU A 41 -10.40 -4.06 -11.37
N THR A 42 -10.81 -3.92 -10.10
CA THR A 42 -11.39 -5.00 -9.30
C THR A 42 -12.54 -4.38 -8.51
N ALA A 43 -13.34 -5.21 -7.85
CA ALA A 43 -14.45 -4.70 -7.06
C ALA A 43 -13.95 -3.71 -6.02
N ALA A 44 -12.72 -3.91 -5.55
CA ALA A 44 -12.15 -3.04 -4.54
C ALA A 44 -11.82 -1.66 -5.08
N HIS A 45 -11.76 -1.53 -6.41
CA HIS A 45 -11.53 -0.21 -7.03
C HIS A 45 -12.76 0.69 -7.02
N THR A 46 -13.95 0.14 -6.79
CA THR A 46 -15.16 0.96 -6.75
C THR A 46 -15.02 1.95 -5.61
N PRO A 47 -15.56 3.18 -5.77
CA PRO A 47 -15.35 4.21 -4.73
C PRO A 47 -15.81 3.78 -3.34
N VAL A 48 -15.11 4.24 -2.32
CA VAL A 48 -15.51 3.94 -0.94
C VAL A 48 -16.93 4.41 -0.66
N PHE A 49 -17.31 5.52 -1.30
CA PHE A 49 -18.63 6.13 -1.08
C PHE A 49 -19.75 5.49 -1.90
N TRP A 50 -19.41 4.45 -2.67
CA TRP A 50 -20.44 3.61 -3.29
C TRP A 50 -20.83 2.52 -2.31
N ARG A 51 -19.88 2.08 -1.50
CA ARG A 51 -20.06 0.89 -0.65
C ARG A 51 -20.43 1.20 0.80
N TYR A 52 -19.77 2.20 1.38
CA TYR A 52 -20.04 2.59 2.76
C TYR A 52 -20.92 3.82 2.85
N ASP A 53 -21.82 3.83 3.85
CA ASP A 53 -22.44 5.05 4.35
C ASP A 53 -21.43 5.71 5.28
N LEU A 54 -20.96 6.90 4.92
CA LEU A 54 -19.88 7.52 5.70
C LEU A 54 -20.37 8.34 6.87
N ASN A 55 -21.68 8.33 7.10
CA ASN A 55 -22.28 9.11 8.19
C ASN A 55 -22.35 8.29 9.47
N GLU A 56 -21.67 8.75 10.52
CA GLU A 56 -21.63 8.03 11.79
C GLU A 56 -23.01 7.85 12.43
N GLU A 57 -23.90 8.81 12.19
CA GLU A 57 -25.23 8.76 12.77
C GLU A 57 -26.04 7.57 12.25
N THR A 58 -25.89 7.28 10.96
CA THR A 58 -26.65 6.19 10.34
C THR A 58 -25.86 4.89 10.09
N ASN A 59 -24.54 4.92 10.25
CA ASN A 59 -23.68 3.75 10.07
C ASN A 59 -22.56 3.76 11.11
N PRO A 60 -22.92 3.68 12.41
CA PRO A 60 -21.91 3.84 13.47
C PRO A 60 -20.81 2.79 13.46
N PHE A 61 -21.12 1.60 12.95
CA PHE A 61 -20.15 0.52 12.88
C PHE A 61 -19.27 0.63 11.64
N LEU A 62 -19.61 1.57 10.75
CA LEU A 62 -18.89 1.75 9.48
C LEU A 62 -18.77 0.43 8.71
N MET A 63 -19.92 -0.11 8.34
CA MET A 63 -19.94 -1.31 7.51
C MET A 63 -20.42 -0.96 6.12
N GLU A 64 -20.14 -1.83 5.15
CA GLU A 64 -20.62 -1.62 3.79
C GLU A 64 -22.13 -1.81 3.72
N ARG A 65 -22.81 -0.86 3.07
CA ARG A 65 -24.26 -0.96 2.86
C ARG A 65 -24.59 -1.61 1.53
N ILE A 66 -23.69 -1.44 0.55
CA ILE A 66 -23.92 -1.97 -0.79
C ILE A 66 -22.66 -2.64 -1.27
N GLY A 67 -22.62 -3.96 -1.16
CA GLY A 67 -21.45 -4.71 -1.57
C GLY A 67 -21.26 -4.73 -3.08
N MET A 68 -20.00 -4.59 -3.50
CA MET A 68 -19.62 -4.73 -4.89
C MET A 68 -18.87 -6.04 -5.07
N ASN A 69 -19.25 -6.82 -6.08
CA ASN A 69 -18.71 -8.16 -6.29
C ASN A 69 -17.66 -8.27 -7.38
N ALA A 70 -17.86 -7.57 -8.48
CA ALA A 70 -17.00 -7.78 -9.65
C ALA A 70 -17.00 -6.59 -10.60
N THR A 71 -15.89 -6.43 -11.30
CA THR A 71 -15.76 -5.43 -12.35
C THR A 71 -15.24 -6.14 -13.58
N LEU A 72 -16.08 -6.27 -14.60
CA LEU A 72 -15.74 -7.15 -15.71
C LEU A 72 -16.20 -6.60 -17.03
N ASN A 73 -16.00 -7.42 -18.06
CA ASN A 73 -16.45 -7.22 -19.43
C ASN A 73 -16.71 -5.77 -19.81
N ALA A 74 -15.62 -5.00 -19.94
CA ALA A 74 -15.73 -3.55 -20.12
C ALA A 74 -15.62 -3.14 -21.58
N GLY A 75 -16.49 -2.21 -21.98
CA GLY A 75 -16.31 -1.54 -23.26
C GLY A 75 -15.18 -0.56 -23.08
N ALA A 76 -14.74 0.07 -24.16
CA ALA A 76 -13.64 1.01 -24.04
C ALA A 76 -13.67 2.04 -25.16
N ILE A 77 -13.18 3.23 -24.85
CA ILE A 77 -13.11 4.31 -25.83
C ILE A 77 -12.07 5.33 -25.42
N LYS A 78 -11.37 5.90 -26.40
CA LYS A 78 -10.50 7.02 -26.12
C LYS A 78 -11.40 8.23 -26.08
N TRP A 79 -11.28 9.03 -25.02
CA TRP A 79 -12.24 10.09 -24.76
C TRP A 79 -11.57 11.35 -24.25
N ASP A 80 -11.64 12.41 -25.07
CA ASP A 80 -11.07 13.70 -24.72
C ASP A 80 -9.68 13.54 -24.07
N GLY A 81 -8.83 12.74 -24.70
CA GLY A 81 -7.47 12.55 -24.25
C GLY A 81 -7.26 11.52 -23.15
N LYS A 82 -8.33 10.90 -22.68
CA LYS A 82 -8.19 9.93 -21.61
C LYS A 82 -8.57 8.54 -22.10
N TYR A 83 -8.24 7.53 -21.31
CA TYR A 83 -8.56 6.15 -21.64
C TYR A 83 -9.73 5.74 -20.76
N LEU A 84 -10.84 5.39 -21.41
CA LEU A 84 -12.08 5.12 -20.67
C LEU A 84 -12.52 3.68 -20.85
N MET A 85 -12.93 3.07 -19.74
CA MET A 85 -13.65 1.82 -19.77
C MET A 85 -15.12 2.05 -19.43
N LEU A 86 -15.99 1.34 -20.12
CA LEU A 86 -17.40 1.30 -19.77
C LEU A 86 -17.56 -0.03 -19.05
N VAL A 87 -17.46 0.02 -17.72
CA VAL A 87 -17.31 -1.19 -16.92
C VAL A 87 -18.65 -1.82 -16.62
N ARG A 88 -18.71 -3.15 -16.71
CA ARG A 88 -19.81 -3.91 -16.17
C ARG A 88 -19.48 -4.19 -14.69
N VAL A 89 -20.23 -3.55 -13.81
CA VAL A 89 -20.01 -3.69 -12.38
C VAL A 89 -21.10 -4.57 -11.83
N GLU A 90 -20.72 -5.66 -11.17
CA GLU A 90 -21.72 -6.55 -10.60
C GLU A 90 -21.77 -6.36 -9.09
N GLY A 91 -22.94 -6.00 -8.57
CA GLY A 91 -23.11 -5.85 -7.14
C GLY A 91 -23.20 -7.18 -6.39
N ALA A 92 -23.13 -7.14 -5.07
CA ALA A 92 -23.37 -8.34 -4.28
C ALA A 92 -24.78 -8.83 -4.51
N ASP A 93 -25.66 -7.93 -4.96
CA ASP A 93 -27.06 -8.32 -5.19
C ASP A 93 -27.26 -9.09 -6.48
N ARG A 94 -26.15 -9.33 -7.19
CA ARG A 94 -26.11 -10.09 -8.44
C ARG A 94 -26.60 -9.36 -9.68
N LYS A 95 -26.96 -8.09 -9.53
CA LYS A 95 -27.28 -7.30 -10.71
C LYS A 95 -26.04 -6.60 -11.23
N SER A 96 -25.97 -6.46 -12.56
CA SER A 96 -24.93 -5.65 -13.17
C SER A 96 -25.48 -4.30 -13.60
N PHE A 97 -24.61 -3.30 -13.56
CA PHE A 97 -24.94 -1.99 -14.09
C PHE A 97 -23.68 -1.45 -14.75
N PHE A 98 -23.81 -0.37 -15.51
CA PHE A 98 -22.65 0.15 -16.23
C PHE A 98 -22.08 1.34 -15.47
N ALA A 99 -20.76 1.55 -15.60
CA ALA A 99 -20.10 2.67 -14.94
C ALA A 99 -18.83 3.06 -15.70
N VAL A 100 -18.65 4.35 -15.94
CA VAL A 100 -17.45 4.82 -16.62
C VAL A 100 -16.29 4.91 -15.63
N ALA A 101 -15.12 4.48 -16.07
CA ALA A 101 -13.89 4.66 -15.30
C ALA A 101 -12.83 5.19 -16.24
N GLU A 102 -12.03 6.13 -15.78
CA GLU A 102 -11.04 6.76 -16.66
C GLU A 102 -9.62 6.75 -16.11
N SER A 103 -8.66 6.74 -17.04
CA SER A 103 -7.24 6.70 -16.72
C SER A 103 -6.50 7.67 -17.63
N PRO A 104 -5.43 8.32 -17.11
CA PRO A 104 -4.63 9.21 -17.94
C PRO A 104 -3.68 8.49 -18.89
N ASN A 105 -3.39 7.21 -18.64
CA ASN A 105 -2.34 6.52 -19.39
C ASN A 105 -2.73 5.16 -19.99
N GLY A 106 -3.84 4.60 -19.53
CA GLY A 106 -4.36 3.40 -20.15
C GLY A 106 -3.98 2.09 -19.49
N ILE A 107 -2.97 2.11 -18.62
CA ILE A 107 -2.59 0.88 -17.91
C ILE A 107 -2.79 0.93 -16.39
N ASP A 108 -2.99 2.11 -15.83
CA ASP A 108 -3.23 2.20 -14.39
C ASP A 108 -3.93 3.51 -14.01
N ASN A 109 -4.19 3.69 -12.72
CA ASN A 109 -4.87 4.89 -12.24
C ASN A 109 -6.23 5.06 -12.91
N PHE A 110 -6.91 3.94 -13.16
CA PHE A 110 -8.31 4.00 -13.53
C PHE A 110 -9.14 4.37 -12.30
N ARG A 111 -10.04 5.33 -12.46
CA ARG A 111 -10.89 5.78 -11.38
C ARG A 111 -12.32 5.89 -11.90
N PHE A 112 -13.27 5.36 -11.15
CA PHE A 112 -14.66 5.46 -11.56
C PHE A 112 -15.16 6.90 -11.45
N TRP A 113 -15.93 7.34 -12.44
CA TRP A 113 -16.71 8.57 -12.30
C TRP A 113 -17.57 8.42 -11.06
N GLU A 114 -17.86 9.53 -10.39
CA GLU A 114 -18.50 9.46 -9.07
C GLU A 114 -19.88 8.80 -9.12
N TYR A 115 -20.60 9.03 -10.21
CA TYR A 115 -21.86 8.32 -10.47
C TYR A 115 -21.71 7.29 -11.59
N PRO A 116 -22.39 6.15 -11.45
CA PRO A 116 -22.38 5.15 -12.52
C PRO A 116 -23.37 5.59 -13.60
N VAL A 117 -23.55 4.73 -14.60
CA VAL A 117 -24.41 5.06 -15.74
C VAL A 117 -25.90 4.93 -15.42
N THR A 118 -26.65 5.99 -15.72
CA THR A 118 -28.11 5.93 -15.67
C THR A 118 -28.63 5.62 -17.06
N LEU A 119 -29.16 4.41 -17.21
CA LEU A 119 -29.57 3.88 -18.50
C LEU A 119 -31.07 3.70 -18.49
N PRO A 120 -31.79 4.51 -19.30
CA PRO A 120 -33.24 4.37 -19.35
C PRO A 120 -33.64 3.01 -19.88
N GLU A 121 -34.75 2.48 -19.38
CA GLU A 121 -35.30 1.25 -19.90
C GLU A 121 -35.89 1.50 -21.28
N ASP A 122 -35.93 0.45 -22.10
CA ASP A 122 -36.72 0.43 -23.32
C ASP A 122 -38.16 0.11 -22.88
N VAL A 123 -39.07 -0.02 -23.83
CA VAL A 123 -40.48 -0.26 -23.50
C VAL A 123 -40.70 -1.46 -22.56
N VAL A 124 -39.97 -2.55 -22.80
CA VAL A 124 -40.00 -3.69 -21.89
C VAL A 124 -38.79 -3.61 -20.95
N PRO A 125 -39.05 -3.56 -19.64
CA PRO A 125 -37.93 -3.41 -18.69
C PRO A 125 -37.03 -4.64 -18.70
N ALA A 126 -35.74 -4.42 -18.40
CA ALA A 126 -34.79 -5.52 -18.33
C ALA A 126 -34.40 -5.77 -16.89
N THR A 127 -34.08 -7.03 -16.57
CA THR A 127 -33.62 -7.36 -15.23
C THR A 127 -32.12 -7.12 -15.09
N ASN A 128 -31.35 -7.60 -16.05
CA ASN A 128 -29.91 -7.39 -16.02
C ASN A 128 -29.46 -6.79 -17.34
N VAL A 129 -28.45 -5.92 -17.26
CA VAL A 129 -27.85 -5.37 -18.47
C VAL A 129 -26.35 -5.58 -18.37
N TYR A 130 -25.72 -5.91 -19.50
CA TYR A 130 -24.29 -6.23 -19.46
C TYR A 130 -23.55 -6.15 -20.78
N ASP A 131 -22.21 -6.09 -20.67
CA ASP A 131 -21.27 -6.28 -21.79
C ASP A 131 -21.42 -5.21 -22.87
N MET A 132 -21.25 -3.95 -22.53
CA MET A 132 -21.53 -2.91 -23.53
C MET A 132 -20.35 -2.70 -24.44
N ARG A 133 -20.60 -2.65 -25.74
CA ARG A 133 -19.58 -2.26 -26.71
C ARG A 133 -19.86 -0.87 -27.17
N LEU A 134 -18.87 0.00 -27.03
CA LEU A 134 -18.97 1.39 -27.47
C LEU A 134 -18.47 1.54 -28.89
N THR A 135 -19.23 2.27 -29.71
CA THR A 135 -18.80 2.58 -31.07
C THR A 135 -18.99 4.07 -31.32
N ALA A 136 -17.89 4.77 -31.57
CA ALA A 136 -17.97 6.15 -32.01
C ALA A 136 -18.26 6.05 -33.49
N HIS A 137 -19.54 6.14 -33.85
CA HIS A 137 -19.98 5.96 -35.23
C HIS A 137 -19.76 7.25 -36.01
N GLU A 138 -19.60 7.13 -37.32
CA GLU A 138 -19.40 8.32 -38.15
C GLU A 138 -20.61 9.27 -38.14
N ASP A 139 -21.77 8.80 -37.70
CA ASP A 139 -22.94 9.68 -37.57
C ASP A 139 -22.86 10.64 -36.37
N GLY A 140 -21.77 10.58 -35.61
CA GLY A 140 -21.51 11.56 -34.58
C GLY A 140 -21.93 11.12 -33.19
N TRP A 141 -22.66 10.01 -33.11
CA TRP A 141 -23.03 9.44 -31.82
C TRP A 141 -22.03 8.40 -31.29
N ILE A 142 -21.94 8.30 -29.96
CA ILE A 142 -21.35 7.10 -29.33
C ILE A 142 -22.51 6.16 -29.04
N TYR A 143 -22.46 4.96 -29.63
CA TYR A 143 -23.47 3.95 -29.36
C TYR A 143 -22.91 2.98 -28.37
N GLY A 144 -23.76 2.54 -27.45
CA GLY A 144 -23.48 1.37 -26.63
C GLY A 144 -24.47 0.28 -26.98
N ILE A 145 -23.97 -0.85 -27.45
CA ILE A 145 -24.81 -2.00 -27.73
C ILE A 145 -24.49 -3.01 -26.66
N PHE A 146 -25.52 -3.50 -26.01
CA PHE A 146 -25.35 -4.32 -24.81
C PHE A 146 -26.36 -5.46 -24.76
N CYS A 147 -26.26 -6.32 -23.76
CA CYS A 147 -27.23 -7.39 -23.61
C CYS A 147 -28.26 -6.97 -22.58
N ALA A 148 -29.53 -7.04 -22.94
CA ALA A 148 -30.61 -6.78 -21.99
C ALA A 148 -31.31 -8.10 -21.67
N GLU A 149 -31.21 -8.56 -20.43
CA GLU A 149 -31.72 -9.89 -20.09
C GLU A 149 -32.98 -9.84 -19.22
N ARG A 150 -33.91 -10.73 -19.52
CA ARG A 150 -35.19 -10.81 -18.81
C ARG A 150 -35.51 -12.26 -18.48
N HIS A 151 -36.32 -12.49 -17.45
CA HIS A 151 -36.73 -13.84 -17.14
C HIS A 151 -37.65 -14.34 -18.25
N ASP A 152 -37.52 -15.61 -18.60
CA ASP A 152 -38.42 -16.23 -19.57
C ASP A 152 -39.70 -16.59 -18.82
N ASP A 153 -40.74 -15.77 -18.99
CA ASP A 153 -42.02 -16.00 -18.31
C ASP A 153 -42.56 -17.36 -18.68
N ASN A 154 -42.21 -17.82 -19.89
CA ASN A 154 -42.67 -19.10 -20.38
C ASN A 154 -41.77 -20.25 -19.92
N ALA A 155 -41.77 -20.48 -18.61
CA ALA A 155 -40.91 -21.49 -18.02
C ALA A 155 -41.73 -22.44 -17.17
N PRO A 156 -41.26 -23.68 -17.00
CA PRO A 156 -41.92 -24.62 -16.09
C PRO A 156 -42.00 -24.03 -14.70
N ILE A 157 -42.96 -24.46 -13.89
CA ILE A 157 -43.09 -23.89 -12.56
C ILE A 157 -41.83 -24.22 -11.75
N GLY A 158 -41.35 -23.26 -10.98
CA GLY A 158 -40.12 -23.43 -10.24
C GLY A 158 -38.87 -23.07 -11.02
N ASP A 159 -39.00 -22.85 -12.33
CA ASP A 159 -37.85 -22.47 -13.15
C ASP A 159 -37.62 -20.97 -13.05
N LEU A 160 -36.63 -20.57 -12.27
CA LEU A 160 -36.34 -19.15 -12.09
C LEU A 160 -35.03 -18.81 -12.76
N SER A 161 -34.61 -19.66 -13.70
CA SER A 161 -33.30 -19.50 -14.33
C SER A 161 -33.41 -19.24 -15.82
N SER A 162 -34.47 -19.77 -16.44
CA SER A 162 -34.68 -19.55 -17.87
C SER A 162 -34.76 -18.06 -18.17
N ALA A 163 -33.96 -17.63 -19.16
CA ALA A 163 -33.91 -16.21 -19.51
C ALA A 163 -33.95 -16.00 -21.02
N THR A 164 -34.32 -14.78 -21.40
CA THR A 164 -34.22 -14.35 -22.78
C THR A 164 -33.36 -13.09 -22.78
N ALA A 165 -32.83 -12.72 -23.93
CA ALA A 165 -32.00 -11.54 -23.96
C ALA A 165 -32.14 -10.87 -25.31
N THR A 166 -32.16 -9.55 -25.29
CA THR A 166 -32.18 -8.79 -26.54
C THR A 166 -30.90 -7.99 -26.64
N ALA A 167 -30.62 -7.45 -27.82
CA ALA A 167 -29.55 -6.48 -27.96
C ALA A 167 -30.11 -5.08 -27.67
N GLY A 168 -29.69 -4.51 -26.54
CA GLY A 168 -30.06 -3.14 -26.20
C GLY A 168 -29.20 -2.14 -26.94
N ILE A 169 -29.82 -1.02 -27.32
CA ILE A 169 -29.15 0.01 -28.10
C ILE A 169 -29.37 1.34 -27.41
N ALA A 170 -28.28 1.97 -26.99
CA ALA A 170 -28.36 3.31 -26.42
C ALA A 170 -27.32 4.20 -27.10
N ARG A 171 -27.54 5.51 -27.10
CA ARG A 171 -26.52 6.38 -27.66
C ARG A 171 -26.34 7.63 -26.81
N THR A 172 -25.17 8.25 -26.94
CA THR A 172 -24.82 9.37 -26.09
C THR A 172 -23.75 10.22 -26.76
N LYS A 173 -23.64 11.47 -26.33
CA LYS A 173 -22.51 12.28 -26.76
C LYS A 173 -21.63 12.72 -25.61
N ASP A 174 -21.99 12.36 -24.38
CA ASP A 174 -21.17 12.72 -23.22
C ASP A 174 -20.91 11.58 -22.22
N LEU A 175 -21.47 10.41 -22.51
CA LEU A 175 -21.35 9.23 -21.64
C LEU A 175 -22.04 9.42 -20.28
N LYS A 176 -22.90 10.43 -20.17
CA LYS A 176 -23.66 10.66 -18.95
C LYS A 176 -25.15 10.65 -19.24
N ASN A 177 -25.54 11.29 -20.32
CA ASN A 177 -26.93 11.33 -20.72
C ASN A 177 -27.14 10.35 -21.87
N TRP A 178 -27.83 9.26 -21.57
CA TRP A 178 -28.03 8.17 -22.54
C TRP A 178 -29.46 8.14 -23.02
N GLU A 179 -29.61 8.10 -24.33
CA GLU A 179 -30.90 7.87 -24.96
C GLU A 179 -31.03 6.41 -25.31
N ARG A 180 -32.14 5.81 -24.90
CA ARG A 180 -32.36 4.39 -25.15
C ARG A 180 -33.23 4.19 -26.38
N LEU A 181 -32.64 3.60 -27.42
CA LEU A 181 -33.37 3.31 -28.65
C LEU A 181 -34.11 1.97 -28.50
N PRO A 182 -34.96 1.62 -29.47
CA PRO A 182 -35.65 0.33 -29.29
C PRO A 182 -34.69 -0.85 -29.38
N ASP A 183 -34.93 -1.88 -28.55
CA ASP A 183 -34.14 -3.11 -28.60
C ASP A 183 -34.16 -3.62 -30.03
N LEU A 184 -33.05 -4.22 -30.45
CA LEU A 184 -32.95 -4.82 -31.78
C LEU A 184 -34.03 -5.89 -31.99
N LYS A 185 -34.77 -5.77 -33.08
CA LYS A 185 -35.74 -6.79 -33.44
C LYS A 185 -35.07 -7.87 -34.28
N THR A 186 -35.44 -9.11 -34.00
CA THR A 186 -34.71 -10.23 -34.56
C THR A 186 -35.48 -11.54 -34.37
N LYS A 187 -35.29 -12.47 -35.30
CA LYS A 187 -36.00 -13.75 -35.24
C LYS A 187 -35.27 -14.76 -34.36
N SER A 188 -33.94 -14.73 -34.39
CA SER A 188 -33.13 -15.52 -33.47
C SER A 188 -32.78 -14.68 -32.25
N GLN A 189 -32.49 -15.34 -31.13
CA GLN A 189 -31.92 -14.63 -29.99
C GLN A 189 -30.60 -14.02 -30.44
N GLN A 190 -30.28 -12.83 -29.93
CA GLN A 190 -29.01 -12.19 -30.24
C GLN A 190 -28.19 -11.82 -29.00
N ARG A 191 -26.88 -12.00 -29.10
CA ARG A 191 -25.95 -11.67 -28.04
C ARG A 191 -24.65 -11.27 -28.71
N ASN A 192 -23.80 -10.55 -27.98
CA ASN A 192 -22.54 -10.05 -28.54
C ASN A 192 -22.73 -9.24 -29.81
N VAL A 193 -23.80 -8.45 -29.85
CA VAL A 193 -24.04 -7.57 -30.97
C VAL A 193 -23.15 -6.35 -30.80
N VAL A 194 -22.56 -5.89 -31.90
CA VAL A 194 -21.58 -4.81 -31.87
C VAL A 194 -21.79 -3.92 -33.11
N LEU A 195 -21.72 -2.60 -32.95
CA LEU A 195 -21.88 -1.70 -34.10
C LEU A 195 -20.57 -1.42 -34.84
N HIS A 196 -20.56 -1.71 -36.14
CA HIS A 196 -19.44 -1.34 -37.00
C HIS A 196 -19.42 0.17 -37.10
N PRO A 197 -18.23 0.79 -37.08
CA PRO A 197 -18.17 2.26 -36.95
C PRO A 197 -18.41 3.05 -38.23
N GLU A 198 -18.48 2.38 -39.37
CA GLU A 198 -18.75 3.05 -40.63
C GLU A 198 -20.04 2.55 -41.27
N PHE A 199 -20.75 3.45 -41.95
CA PHE A 199 -21.85 3.02 -42.81
C PHE A 199 -21.27 2.09 -43.88
N VAL A 200 -22.07 1.09 -44.26
CA VAL A 200 -21.73 0.19 -45.35
C VAL A 200 -22.92 0.16 -46.29
N ASP A 201 -22.69 0.51 -47.56
CA ASP A 201 -23.78 0.76 -48.50
C ASP A 201 -24.80 1.75 -47.90
N GLY A 202 -24.30 2.73 -47.17
CA GLY A 202 -25.14 3.75 -46.57
C GLY A 202 -25.99 3.24 -45.42
N LYS A 203 -25.69 2.05 -44.95
CA LYS A 203 -26.47 1.47 -43.86
C LYS A 203 -25.62 1.24 -42.64
N TYR A 204 -26.28 1.16 -41.48
CA TYR A 204 -25.61 0.72 -40.25
C TYR A 204 -25.31 -0.76 -40.38
N ALA A 205 -24.19 -1.20 -39.81
CA ALA A 205 -23.83 -2.61 -39.89
C ALA A 205 -23.54 -3.12 -38.50
N LEU A 206 -24.15 -4.26 -38.16
CA LEU A 206 -23.95 -4.88 -36.86
C LEU A 206 -23.23 -6.20 -36.99
N TYR A 207 -22.32 -6.46 -36.07
CA TYR A 207 -21.85 -7.81 -35.83
C TYR A 207 -22.88 -8.48 -34.93
N THR A 208 -23.23 -9.71 -35.27
CA THR A 208 -24.29 -10.42 -34.59
C THR A 208 -23.80 -11.80 -34.20
N ARG A 209 -24.58 -12.47 -33.36
CA ARG A 209 -24.28 -13.83 -32.95
C ARG A 209 -25.60 -14.53 -32.74
N PRO A 210 -26.28 -14.90 -33.83
CA PRO A 210 -27.58 -15.54 -33.69
C PRO A 210 -27.46 -16.92 -33.04
N GLN A 211 -28.47 -17.30 -32.26
CA GLN A 211 -28.53 -18.65 -31.72
C GLN A 211 -29.94 -19.00 -31.26
N ASP A 212 -30.26 -20.28 -31.29
CA ASP A 212 -31.62 -20.75 -31.06
C ASP A 212 -32.17 -20.39 -29.68
N GLY A 213 -31.30 -20.40 -28.67
CA GLY A 213 -31.72 -20.11 -27.31
C GLY A 213 -30.89 -19.03 -26.63
N ASP A 216 -28.31 -22.23 -25.43
CA ASP A 216 -28.06 -23.19 -26.50
C ASP A 216 -27.86 -22.49 -27.85
N THR A 217 -26.65 -22.62 -28.40
CA THR A 217 -26.34 -22.03 -29.69
C THR A 217 -27.12 -22.72 -30.81
N GLY A 218 -27.13 -24.04 -30.76
CA GLY A 218 -27.83 -24.83 -31.76
C GLY A 218 -27.29 -24.60 -33.16
N SER A 219 -28.17 -24.18 -34.06
CA SER A 219 -27.81 -24.00 -35.47
C SER A 219 -26.90 -22.79 -35.72
N GLY A 220 -26.69 -21.98 -34.68
CA GLY A 220 -25.88 -20.78 -34.77
C GLY A 220 -24.51 -21.02 -35.37
N GLY A 221 -24.28 -20.47 -36.56
CA GLY A 221 -23.07 -20.76 -37.32
C GLY A 221 -21.81 -20.04 -36.87
N GLY A 222 -21.99 -18.88 -36.24
CA GLY A 222 -20.87 -18.10 -35.75
C GLY A 222 -21.17 -16.63 -35.58
N ILE A 223 -20.19 -15.79 -35.93
CA ILE A 223 -20.35 -14.34 -35.86
C ILE A 223 -20.90 -13.85 -37.19
N GLY A 224 -22.00 -13.12 -37.10
CA GLY A 224 -22.73 -12.68 -38.28
C GLY A 224 -22.63 -11.20 -38.59
N TRP A 225 -23.13 -10.84 -39.76
CA TRP A 225 -23.10 -9.48 -40.26
C TRP A 225 -24.49 -9.14 -40.74
N ALA A 226 -25.05 -8.06 -40.23
CA ALA A 226 -26.40 -7.64 -40.56
C ALA A 226 -26.43 -6.16 -40.87
N LEU A 227 -26.93 -5.79 -42.04
CA LEU A 227 -27.15 -4.40 -42.42
C LEU A 227 -28.51 -3.90 -41.93
N ILE A 228 -28.51 -2.69 -41.37
CA ILE A 228 -29.65 -2.09 -40.70
C ILE A 228 -29.90 -0.72 -41.30
N ASP A 229 -31.09 -0.50 -41.83
CA ASP A 229 -31.40 0.80 -42.45
C ASP A 229 -31.41 1.94 -41.44
N ASP A 230 -32.04 1.70 -40.29
CA ASP A 230 -32.32 2.76 -39.34
C ASP A 230 -32.02 2.27 -37.92
N ILE A 231 -30.93 2.78 -37.34
CA ILE A 231 -30.51 2.38 -36.00
C ILE A 231 -31.53 2.72 -34.91
N THR A 232 -32.43 3.66 -35.19
CA THR A 232 -33.48 4.03 -34.24
C THR A 232 -34.72 3.13 -34.35
N HIS A 233 -34.72 2.26 -35.35
CA HIS A 233 -35.74 1.23 -35.49
C HIS A 233 -35.08 -0.03 -36.02
N ALA A 234 -34.06 -0.50 -35.28
CA ALA A 234 -33.18 -1.55 -35.78
C ALA A 234 -33.86 -2.91 -35.82
N GLU A 235 -33.78 -3.56 -36.98
CA GLU A 235 -34.30 -4.91 -37.14
C GLU A 235 -33.44 -5.69 -38.10
N VAL A 236 -32.97 -6.86 -37.70
CA VAL A 236 -32.16 -7.65 -38.63
C VAL A 236 -33.04 -8.34 -39.65
N GLY A 237 -32.64 -8.24 -40.91
CA GLY A 237 -33.30 -8.95 -42.00
C GLY A 237 -32.40 -10.09 -42.43
N GLU A 238 -31.61 -9.85 -43.47
CA GLU A 238 -30.63 -10.84 -43.89
C GLU A 238 -29.41 -10.71 -43.02
N GLU A 239 -28.85 -11.84 -42.59
CA GLU A 239 -27.55 -11.83 -41.94
C GLU A 239 -26.63 -12.90 -42.54
N LYS A 240 -25.37 -12.53 -42.67
CA LYS A 240 -24.35 -13.37 -43.27
C LYS A 240 -23.38 -13.79 -42.19
N ILE A 241 -22.93 -15.04 -42.19
CA ILE A 241 -21.95 -15.47 -41.20
C ILE A 241 -20.55 -15.14 -41.71
N ILE A 242 -19.76 -14.48 -40.87
CA ILE A 242 -18.43 -14.01 -41.23
C ILE A 242 -17.33 -14.92 -40.68
N ASP A 243 -17.44 -15.24 -39.39
CA ASP A 243 -16.45 -16.13 -38.79
C ASP A 243 -17.14 -17.32 -38.14
N LYS A 244 -16.80 -18.51 -38.63
CA LYS A 244 -17.50 -19.74 -38.27
C LYS A 244 -16.92 -20.50 -37.07
N ARG A 245 -17.78 -21.26 -36.39
CA ARG A 245 -17.31 -22.22 -35.42
C ARG A 245 -16.72 -23.42 -36.14
N TYR A 246 -15.77 -24.11 -35.50
CA TYR A 246 -15.21 -25.32 -36.08
C TYR A 246 -14.98 -26.36 -34.99
N TYR A 247 -15.31 -27.62 -35.29
CA TYR A 247 -14.98 -28.75 -34.41
C TYR A 247 -13.50 -28.77 -34.03
N HIS A 248 -13.26 -28.94 -32.73
CA HIS A 248 -11.93 -29.10 -32.16
C HIS A 248 -11.01 -27.91 -32.31
N THR A 249 -11.61 -26.72 -32.40
CA THR A 249 -10.87 -25.48 -32.26
C THR A 249 -11.29 -24.79 -30.98
N ILE A 250 -10.67 -23.65 -30.71
CA ILE A 250 -11.00 -22.88 -29.53
C ILE A 250 -12.39 -22.23 -29.63
N LYS A 251 -12.99 -22.29 -30.82
CA LYS A 251 -14.32 -21.73 -31.03
C LYS A 251 -15.27 -22.82 -31.54
N GLU A 252 -15.40 -23.87 -30.75
CA GLU A 252 -16.19 -25.02 -31.15
C GLU A 252 -17.67 -24.87 -30.82
N VAL A 253 -17.98 -24.53 -29.56
CA VAL A 253 -19.35 -24.52 -29.08
C VAL A 253 -20.02 -23.17 -29.32
N LYS A 254 -19.25 -22.10 -29.12
CA LYS A 254 -19.76 -20.74 -29.27
C LYS A 254 -18.63 -19.85 -29.74
N ASN A 255 -18.96 -18.73 -30.36
CA ASN A 255 -17.99 -17.64 -30.47
C ASN A 255 -18.74 -16.33 -30.42
N GLY A 256 -18.04 -15.21 -30.42
CA GLY A 256 -18.72 -13.92 -30.43
C GLY A 256 -17.74 -12.79 -30.59
N GLU A 257 -18.14 -11.76 -31.32
CA GLU A 257 -17.30 -10.57 -31.47
C GLU A 257 -17.07 -9.92 -30.11
N GLY A 258 -15.87 -9.40 -29.89
CA GLY A 258 -15.60 -8.60 -28.71
C GLY A 258 -15.91 -7.14 -28.96
N PRO A 259 -14.89 -6.27 -28.91
CA PRO A 259 -15.13 -4.86 -29.27
C PRO A 259 -15.29 -4.75 -30.78
N HIS A 260 -15.68 -3.57 -31.28
CA HIS A 260 -15.73 -3.40 -32.73
C HIS A 260 -14.30 -3.42 -33.23
N PRO A 261 -14.09 -3.88 -34.47
CA PRO A 261 -12.74 -4.05 -35.00
C PRO A 261 -12.00 -2.73 -35.21
N ILE A 262 -10.68 -2.81 -35.28
CA ILE A 262 -9.82 -1.67 -35.54
C ILE A 262 -9.50 -1.58 -37.03
N LYS A 263 -9.67 -0.41 -37.63
CA LYS A 263 -9.30 -0.26 -39.04
C LYS A 263 -7.79 -0.11 -39.17
N THR A 264 -7.19 -0.96 -39.99
CA THR A 264 -5.76 -0.85 -40.30
C THR A 264 -5.62 -0.79 -41.82
N PRO A 265 -4.44 -0.37 -42.32
CA PRO A 265 -4.28 -0.33 -43.78
C PRO A 265 -4.41 -1.72 -44.41
N GLN A 266 -4.29 -2.77 -43.61
CA GLN A 266 -4.33 -4.15 -44.11
C GLN A 266 -5.73 -4.74 -44.03
N GLY A 267 -6.63 -4.07 -43.32
CA GLY A 267 -7.99 -4.58 -43.18
C GLY A 267 -8.53 -4.34 -41.80
N TRP A 268 -9.73 -4.82 -41.52
CA TRP A 268 -10.31 -4.71 -40.19
C TRP A 268 -9.73 -5.78 -39.28
N LEU A 269 -9.22 -5.33 -38.12
CA LEU A 269 -8.57 -6.20 -37.15
C LEU A 269 -9.58 -6.56 -36.06
N HIS A 270 -9.91 -7.85 -35.92
CA HIS A 270 -10.99 -8.26 -35.02
C HIS A 270 -10.49 -8.96 -33.76
N LEU A 271 -11.17 -8.70 -32.65
CA LEU A 271 -10.92 -9.45 -31.42
C LEU A 271 -12.23 -10.09 -30.98
N ALA A 272 -12.20 -11.40 -30.74
CA ALA A 272 -13.40 -12.16 -30.44
C ALA A 272 -13.12 -13.10 -29.28
N HIS A 273 -14.16 -13.81 -28.82
CA HIS A 273 -13.94 -14.93 -27.90
C HIS A 273 -14.53 -16.21 -28.48
N GLY A 274 -13.93 -17.34 -28.09
CA GLY A 274 -14.37 -18.64 -28.52
C GLY A 274 -14.57 -19.53 -27.32
N VAL A 275 -15.54 -20.43 -27.39
CA VAL A 275 -15.90 -21.27 -26.27
C VAL A 275 -15.83 -22.74 -26.65
N ARG A 276 -15.37 -23.57 -25.74
CA ARG A 276 -15.51 -25.01 -25.87
C ARG A 276 -15.95 -25.57 -24.54
N ASN A 277 -16.47 -26.79 -24.56
CA ASN A 277 -16.88 -27.46 -23.33
C ASN A 277 -15.77 -28.42 -22.88
N CYS A 278 -15.58 -28.53 -21.57
CA CYS A 278 -14.62 -29.47 -20.99
C CYS A 278 -15.20 -30.01 -19.70
N ALA A 279 -14.46 -30.89 -19.03
CA ALA A 279 -14.98 -31.53 -17.81
C ALA A 279 -15.32 -30.55 -16.70
N ALA A 280 -14.75 -29.34 -16.77
CA ALA A 280 -14.96 -28.35 -15.71
C ALA A 280 -16.02 -27.32 -16.08
N GLY A 281 -16.62 -27.48 -17.26
CA GLY A 281 -17.59 -26.50 -17.74
C GLY A 281 -17.14 -25.84 -19.03
N LEU A 282 -17.60 -24.61 -19.27
CA LEU A 282 -17.23 -23.92 -20.50
C LEU A 282 -15.92 -23.18 -20.34
N ARG A 283 -15.11 -23.18 -21.39
CA ARG A 283 -13.82 -22.51 -21.35
C ARG A 283 -13.77 -21.42 -22.41
N TYR A 284 -13.50 -20.19 -21.99
CA TYR A 284 -13.54 -19.04 -22.88
C TYR A 284 -12.12 -18.52 -23.10
N VAL A 285 -11.72 -18.37 -24.36
CA VAL A 285 -10.46 -17.74 -24.70
C VAL A 285 -10.68 -16.67 -25.76
N LEU A 286 -9.67 -15.83 -25.98
CA LEU A 286 -9.75 -14.78 -26.99
C LEU A 286 -9.07 -15.22 -28.27
N TYR A 287 -9.58 -14.77 -29.41
CA TYR A 287 -8.91 -15.01 -30.68
C TYR A 287 -9.10 -13.83 -31.63
N MET A 288 -8.31 -13.79 -32.70
CA MET A 288 -8.37 -12.67 -33.64
C MET A 288 -8.60 -13.14 -35.07
N TYR A 289 -9.09 -12.23 -35.90
CA TYR A 289 -9.20 -12.50 -37.31
C TYR A 289 -9.22 -11.17 -38.04
N MET A 290 -9.04 -11.19 -39.35
CA MET A 290 -9.11 -9.95 -40.13
C MET A 290 -10.08 -10.06 -41.29
N THR A 291 -10.72 -8.95 -41.64
CA THR A 291 -11.58 -8.89 -42.80
C THR A 291 -11.15 -7.77 -43.72
N SER A 292 -11.62 -7.81 -44.95
CA SER A 292 -11.19 -6.90 -46.01
C SER A 292 -11.77 -5.50 -45.83
N LEU A 293 -11.00 -4.48 -46.18
CA LEU A 293 -11.51 -3.11 -46.23
C LEU A 293 -12.56 -2.96 -47.33
N ASP A 294 -12.30 -3.55 -48.49
CA ASP A 294 -13.24 -3.47 -49.61
C ASP A 294 -14.56 -4.14 -49.26
N ASP A 295 -14.48 -5.28 -48.60
CA ASP A 295 -15.66 -6.03 -48.22
C ASP A 295 -15.46 -6.52 -46.80
N PRO A 296 -15.98 -5.79 -45.80
CA PRO A 296 -15.84 -6.19 -44.40
C PRO A 296 -16.44 -7.55 -44.06
N THR A 297 -17.13 -8.19 -44.99
CA THR A 297 -17.72 -9.51 -44.71
C THR A 297 -16.76 -10.63 -45.08
N ARG A 298 -15.64 -10.26 -45.68
CA ARG A 298 -14.72 -11.22 -46.28
C ARG A 298 -13.50 -11.43 -45.40
N LEU A 299 -13.35 -12.67 -44.90
CA LEU A 299 -12.17 -13.02 -44.09
C LEU A 299 -10.89 -12.98 -44.92
N ILE A 300 -9.86 -12.31 -44.40
CA ILE A 300 -8.56 -12.29 -45.04
C ILE A 300 -7.43 -12.78 -44.13
N ALA A 301 -7.73 -13.00 -42.85
CA ALA A 301 -6.74 -13.58 -41.94
C ALA A 301 -7.40 -14.39 -40.85
N SER A 302 -6.91 -15.62 -40.67
CA SER A 302 -7.45 -16.56 -39.70
C SER A 302 -6.33 -17.29 -39.02
N PRO A 303 -5.60 -16.60 -38.14
CA PRO A 303 -4.50 -17.24 -37.43
C PRO A 303 -5.05 -18.40 -36.63
N ALA A 304 -4.37 -19.55 -36.61
CA ALA A 304 -4.86 -20.68 -35.83
C ALA A 304 -4.89 -20.41 -34.33
N GLY A 305 -5.82 -21.07 -33.65
CA GLY A 305 -5.84 -21.14 -32.20
C GLY A 305 -6.16 -19.87 -31.46
N TYR A 306 -5.81 -19.84 -30.17
CA TYR A 306 -6.14 -18.67 -29.36
C TYR A 306 -5.09 -17.56 -29.40
N PHE A 307 -5.56 -16.34 -29.19
CA PHE A 307 -4.73 -15.15 -29.12
C PHE A 307 -4.29 -14.98 -27.66
N MET A 308 -5.26 -15.11 -26.75
CA MET A 308 -4.98 -15.12 -25.32
C MET A 308 -5.89 -16.13 -24.64
N ALA A 309 -5.36 -16.77 -23.60
CA ALA A 309 -6.07 -17.73 -22.75
C ALA A 309 -5.71 -17.42 -21.30
N PRO A 310 -6.54 -17.87 -20.34
CA PRO A 310 -6.24 -17.54 -18.95
C PRO A 310 -4.87 -18.01 -18.48
N VAL A 311 -4.10 -17.08 -17.90
CA VAL A 311 -2.79 -17.34 -17.34
C VAL A 311 -2.77 -16.98 -15.87
N GLY A 312 -2.22 -17.85 -15.02
CA GLY A 312 -2.05 -17.52 -13.61
C GLY A 312 -3.32 -17.15 -12.87
N GLU A 313 -3.32 -15.96 -12.25
CA GLU A 313 -4.46 -15.45 -11.48
C GLU A 313 -5.73 -15.33 -12.32
N GLU A 314 -5.57 -15.21 -13.64
CA GLU A 314 -6.69 -15.10 -14.56
C GLU A 314 -7.58 -16.33 -14.56
N ARG A 315 -7.01 -17.47 -14.18
CA ARG A 315 -7.72 -18.74 -14.29
C ARG A 315 -8.88 -18.86 -13.32
N ILE A 316 -8.87 -18.04 -12.27
CA ILE A 316 -9.76 -18.25 -11.13
C ILE A 316 -10.63 -17.03 -10.84
N GLY A 317 -11.92 -17.25 -10.64
CA GLY A 317 -12.84 -16.21 -10.22
C GLY A 317 -14.25 -16.76 -10.08
N ASP A 318 -15.26 -15.89 -10.09
CA ASP A 318 -16.65 -16.35 -10.03
C ASP A 318 -17.01 -17.34 -11.13
N VAL A 319 -16.47 -17.12 -12.32
CA VAL A 319 -16.66 -18.06 -13.40
C VAL A 319 -15.29 -18.35 -14.00
N SER A 320 -14.63 -19.37 -13.45
CA SER A 320 -13.23 -19.61 -13.78
C SER A 320 -13.04 -20.06 -15.22
N ASN A 321 -11.79 -20.05 -15.67
CA ASN A 321 -11.42 -20.58 -16.98
C ASN A 321 -12.01 -19.72 -18.11
N VAL A 322 -12.08 -18.41 -17.88
CA VAL A 322 -12.66 -17.47 -18.85
C VAL A 322 -11.78 -16.24 -19.07
N LEU A 323 -11.50 -15.92 -20.33
CA LEU A 323 -11.11 -14.57 -20.70
C LEU A 323 -12.22 -14.01 -21.60
N PHE A 324 -12.45 -12.70 -21.51
CA PHE A 324 -13.50 -12.05 -22.29
C PHE A 324 -13.09 -10.61 -22.56
N SER A 325 -13.31 -10.13 -23.78
CA SER A 325 -13.02 -8.72 -24.04
C SER A 325 -14.11 -8.07 -24.90
N ASN A 326 -14.56 -6.90 -24.48
CA ASN A 326 -15.44 -6.12 -25.32
C ASN A 326 -14.98 -4.67 -25.43
N GLY A 327 -13.68 -4.45 -25.27
CA GLY A 327 -13.14 -3.11 -25.37
C GLY A 327 -11.64 -3.10 -25.63
N TRP A 328 -11.24 -2.25 -26.56
CA TRP A 328 -9.82 -1.92 -26.73
C TRP A 328 -9.68 -0.52 -27.31
N ILE A 329 -8.48 0.04 -27.18
CA ILE A 329 -8.17 1.38 -27.69
C ILE A 329 -6.87 1.34 -28.47
N ALA A 330 -6.88 1.89 -29.67
CA ALA A 330 -5.68 2.04 -30.48
C ALA A 330 -5.37 3.52 -30.63
N ASP A 331 -4.21 3.94 -30.14
CA ASP A 331 -3.79 5.33 -30.25
C ASP A 331 -3.25 5.61 -31.65
N ASP A 332 -3.10 6.90 -31.96
CA ASP A 332 -2.66 7.32 -33.29
C ASP A 332 -1.29 6.78 -33.65
N ASP A 333 -0.46 6.54 -32.63
CA ASP A 333 0.90 6.05 -32.85
C ASP A 333 0.98 4.54 -33.03
N GLY A 334 -0.19 3.89 -33.00
CA GLY A 334 -0.25 2.46 -33.23
C GLY A 334 -0.28 1.60 -31.98
N LYS A 335 -0.12 2.22 -30.82
CA LYS A 335 -0.13 1.47 -29.57
C LYS A 335 -1.54 1.01 -29.25
N VAL A 336 -1.69 -0.24 -28.82
CA VAL A 336 -3.01 -0.81 -28.57
C VAL A 336 -3.13 -1.25 -27.13
N PHE A 337 -4.23 -0.86 -26.51
CA PHE A 337 -4.56 -1.25 -25.16
C PHE A 337 -5.75 -2.18 -25.21
N ILE A 338 -5.55 -3.43 -24.80
CA ILE A 338 -6.61 -4.43 -24.85
C ILE A 338 -7.16 -4.63 -23.45
N TYR A 339 -8.45 -4.36 -23.26
CA TYR A 339 -9.05 -4.51 -21.94
C TYR A 339 -9.83 -5.80 -21.92
N TYR A 340 -9.40 -6.72 -21.07
CA TYR A 340 -10.01 -8.04 -21.04
C TYR A 340 -10.33 -8.43 -19.61
N ALA A 341 -11.47 -9.08 -19.42
CA ALA A 341 -11.84 -9.55 -18.09
C ALA A 341 -11.30 -10.95 -17.89
N SER A 342 -11.00 -11.32 -16.66
CA SER A 342 -10.73 -12.72 -16.38
C SER A 342 -11.75 -13.29 -15.42
N SER A 343 -12.28 -14.45 -15.78
CA SER A 343 -13.13 -15.24 -14.88
C SER A 343 -14.35 -14.47 -14.39
N ASP A 344 -14.84 -13.56 -15.22
CA ASP A 344 -15.99 -12.71 -14.89
C ASP A 344 -15.86 -11.95 -13.58
N THR A 345 -14.62 -11.66 -13.19
CA THR A 345 -14.35 -11.10 -11.86
C THR A 345 -13.59 -9.77 -11.84
N ARG A 346 -12.62 -9.62 -12.74
CA ARG A 346 -11.73 -8.47 -12.71
C ARG A 346 -11.33 -8.06 -14.12
N MET A 347 -10.84 -6.83 -14.26
CA MET A 347 -10.40 -6.32 -15.55
C MET A 347 -8.88 -6.20 -15.60
N HIS A 348 -8.32 -6.64 -16.73
CA HIS A 348 -6.88 -6.55 -17.00
C HIS A 348 -6.63 -5.71 -18.23
N VAL A 349 -5.38 -5.28 -18.40
CA VAL A 349 -4.96 -4.66 -19.66
C VAL A 349 -3.80 -5.46 -20.24
N ALA A 350 -3.75 -5.55 -21.56
CA ALA A 350 -2.60 -6.11 -22.26
C ALA A 350 -2.25 -5.13 -23.36
N THR A 351 -0.96 -4.95 -23.63
CA THR A 351 -0.58 -4.00 -24.67
C THR A 351 0.15 -4.63 -25.83
N SER A 352 -0.06 -4.01 -27.00
CA SER A 352 0.58 -4.43 -28.22
C SER A 352 0.62 -3.22 -29.14
N THR A 353 0.85 -3.48 -30.43
CA THR A 353 0.75 -2.43 -31.44
C THR A 353 -0.04 -2.97 -32.63
N ILE A 354 -0.56 -2.07 -33.45
CA ILE A 354 -1.27 -2.47 -34.65
C ILE A 354 -0.37 -3.34 -35.54
N GLU A 355 0.88 -2.91 -35.74
CA GLU A 355 1.80 -3.69 -36.55
C GLU A 355 2.03 -5.10 -36.02
N ARG A 356 2.22 -5.21 -34.70
CA ARG A 356 2.44 -6.53 -34.10
C ARG A 356 1.19 -7.42 -34.21
N LEU A 357 0.02 -6.83 -33.99
CA LEU A 357 -1.23 -7.61 -34.06
C LEU A 357 -1.51 -8.04 -35.49
N VAL A 358 -1.21 -7.18 -36.45
CA VAL A 358 -1.36 -7.54 -37.86
C VAL A 358 -0.36 -8.64 -38.23
N ASP A 359 0.90 -8.50 -37.79
CA ASP A 359 1.95 -9.51 -37.96
C ASP A 359 1.44 -10.86 -37.43
N TYR A 360 0.91 -10.85 -36.20
CA TYR A 360 0.39 -12.06 -35.58
C TYR A 360 -0.71 -12.71 -36.42
N CYS A 361 -1.64 -11.91 -36.90
CA CYS A 361 -2.77 -12.43 -37.68
C CYS A 361 -2.33 -13.00 -39.02
N LEU A 362 -1.41 -12.31 -39.69
CA LEU A 362 -0.95 -12.72 -41.01
C LEU A 362 0.03 -13.89 -40.99
N HIS A 363 0.83 -14.02 -39.94
CA HIS A 363 1.92 -14.98 -40.00
C HIS A 363 1.84 -16.17 -39.05
N THR A 364 0.88 -16.16 -38.14
CA THR A 364 0.56 -17.35 -37.38
C THR A 364 -0.15 -18.28 -38.36
N PRO A 365 0.39 -19.49 -38.57
CA PRO A 365 -0.16 -20.37 -39.60
C PRO A 365 -1.64 -20.65 -39.36
N GLN A 366 -2.40 -20.84 -40.43
CA GLN A 366 -3.81 -21.15 -40.28
C GLN A 366 -3.98 -22.57 -39.82
N ASP A 367 -5.08 -22.80 -39.10
CA ASP A 367 -5.38 -24.13 -38.58
C ASP A 367 -5.73 -25.09 -39.73
N GLY A 368 -4.96 -26.16 -39.86
CA GLY A 368 -5.25 -27.20 -40.85
C GLY A 368 -6.24 -28.23 -40.33
N PHE A 369 -6.66 -28.06 -39.08
CA PHE A 369 -7.76 -28.80 -38.46
C PHE A 369 -7.50 -30.25 -38.03
N SER A 370 -6.24 -30.66 -37.95
CA SER A 370 -5.95 -32.00 -37.44
C SER A 370 -4.58 -32.08 -36.80
N SER A 371 -4.37 -33.11 -36.00
CA SER A 371 -3.09 -33.30 -35.35
C SER A 371 -1.97 -33.43 -36.38
N SER A 372 -2.22 -34.23 -37.41
CA SER A 372 -1.22 -34.44 -38.44
C SER A 372 -0.84 -33.13 -39.10
N ALA A 373 -1.83 -32.30 -39.37
CA ALA A 373 -1.62 -31.00 -40.00
C ALA A 373 -0.86 -30.09 -39.06
N SER A 374 -1.23 -30.09 -37.79
CA SER A 374 -0.49 -29.32 -36.79
C SER A 374 0.99 -29.74 -36.71
N VAL A 375 1.24 -31.04 -36.73
CA VAL A 375 2.61 -31.55 -36.69
C VAL A 375 3.42 -31.13 -37.93
N GLU A 376 2.80 -31.15 -39.10
CA GLU A 376 3.52 -30.77 -40.32
C GLU A 376 3.92 -29.29 -40.33
N ILE A 377 3.02 -28.43 -39.88
CA ILE A 377 3.32 -27.01 -39.75
C ILE A 377 4.48 -26.79 -38.79
N LEU A 378 4.42 -27.47 -37.65
CA LEU A 378 5.47 -27.39 -36.63
C LEU A 378 6.82 -27.92 -37.14
N LYS A 379 6.81 -29.08 -37.80
CA LYS A 379 8.03 -29.64 -38.36
C LYS A 379 8.68 -28.72 -39.40
N ASN A 380 7.85 -27.99 -40.14
CA ASN A 380 8.37 -27.02 -41.10
C ASN A 380 9.16 -25.91 -40.41
N LEU A 381 8.60 -25.39 -39.32
CA LEU A 381 9.24 -24.32 -38.57
C LEU A 381 10.50 -24.79 -37.89
N ILE A 382 10.44 -25.98 -37.28
CA ILE A 382 11.59 -26.58 -36.64
C ILE A 382 12.73 -26.73 -37.65
N GLU A 383 12.40 -27.26 -38.82
CA GLU A 383 13.42 -27.43 -39.86
C GLU A 383 14.10 -26.12 -40.26
N ARG A 384 13.31 -25.06 -40.41
CA ARG A 384 13.87 -23.74 -40.73
C ARG A 384 14.79 -23.27 -39.61
N ASN A 385 14.33 -23.40 -38.36
CA ASN A 385 15.11 -22.92 -37.23
C ASN A 385 16.41 -23.65 -37.03
N LEU A 386 16.39 -24.97 -37.22
CA LEU A 386 17.58 -25.76 -36.99
C LEU A 386 18.66 -25.45 -38.01
N ARG A 387 18.24 -25.11 -39.23
CA ARG A 387 19.17 -24.73 -40.29
C ARG A 387 19.82 -23.41 -39.93
N LEU A 388 19.00 -22.49 -39.44
CA LEU A 388 19.45 -21.18 -39.04
C LEU A 388 20.44 -21.28 -37.89
N MET A 389 20.08 -22.05 -36.87
CA MET A 389 20.90 -22.18 -35.66
C MET A 389 22.22 -22.90 -35.91
N LYS A 390 22.33 -23.61 -37.04
CA LYS A 390 23.54 -24.33 -37.41
C LYS A 390 24.77 -23.42 -37.40
N SER B 2 -2.54 17.13 -14.98
CA SER B 2 -1.16 17.25 -15.45
C SER B 2 -0.29 16.18 -14.81
N LEU B 3 0.82 15.84 -15.47
CA LEU B 3 1.71 14.80 -14.99
C LEU B 3 2.33 15.18 -13.64
N PHE B 4 2.69 16.45 -13.49
CA PHE B 4 3.28 16.93 -12.26
C PHE B 4 2.29 16.84 -11.10
N ASN B 5 1.07 17.32 -11.32
CA ASN B 5 0.08 17.31 -10.26
C ASN B 5 -0.29 15.88 -9.86
N ASP B 6 -0.32 14.99 -10.85
CA ASP B 6 -0.51 13.57 -10.57
C ASP B 6 0.62 13.01 -9.70
N LYS B 7 1.86 13.39 -10.03
CA LYS B 7 3.02 12.97 -9.24
C LYS B 7 2.95 13.46 -7.79
N VAL B 8 2.54 14.70 -7.60
CA VAL B 8 2.40 15.23 -6.24
C VAL B 8 1.31 14.49 -5.48
N ALA B 9 0.18 14.28 -6.15
CA ALA B 9 -0.94 13.58 -5.53
C ALA B 9 -0.55 12.17 -5.10
N LYS B 10 0.32 11.52 -5.88
CA LYS B 10 0.79 10.18 -5.52
C LYS B 10 1.77 10.17 -4.36
N LEU B 11 2.67 11.15 -4.31
CA LEU B 11 3.55 11.32 -3.15
C LEU B 11 2.74 11.46 -1.86
N LEU B 12 1.73 12.33 -1.88
CA LEU B 12 0.92 12.56 -0.69
C LEU B 12 0.13 11.30 -0.32
N ALA B 13 -0.41 10.62 -1.33
CA ALA B 13 -1.22 9.42 -1.09
C ALA B 13 -0.39 8.25 -0.54
N GLY B 14 0.80 8.04 -1.09
CA GLY B 14 1.68 7.01 -0.58
C GLY B 14 2.09 7.31 0.84
N HIS B 15 2.30 8.60 1.14
CA HIS B 15 2.70 9.02 2.48
C HIS B 15 1.60 8.76 3.51
N GLU B 16 0.35 9.08 3.15
CA GLU B 16 -0.75 8.81 4.07
C GLU B 16 -0.90 7.30 4.31
N ALA B 17 -0.71 6.50 3.27
CA ALA B 17 -0.82 5.06 3.43
C ALA B 17 0.26 4.54 4.38
N LEU B 18 1.48 5.05 4.24
CA LEU B 18 2.55 4.70 5.17
C LEU B 18 2.18 5.12 6.60
N LEU B 19 1.74 6.36 6.77
CA LEU B 19 1.47 6.89 8.09
C LEU B 19 0.35 6.14 8.81
N MET B 20 -0.64 5.68 8.06
CA MET B 20 -1.83 5.09 8.66
C MET B 20 -1.75 3.58 8.83
N ARG B 21 -0.65 2.98 8.39
CA ARG B 21 -0.51 1.53 8.45
C ARG B 21 -0.62 0.99 9.86
N LYS B 22 -1.46 -0.02 10.03
CA LYS B 22 -1.69 -0.62 11.34
C LYS B 22 -0.51 -1.48 11.78
N ASN B 23 -0.02 -1.25 13.00
CA ASN B 23 1.08 -2.06 13.49
C ASN B 23 0.51 -3.35 14.06
N GLU B 24 1.33 -4.40 14.05
CA GLU B 24 0.90 -5.68 14.60
C GLU B 24 1.96 -6.19 15.53
N PRO B 25 1.54 -6.73 16.69
CA PRO B 25 2.54 -7.25 17.63
C PRO B 25 3.21 -8.48 17.06
N VAL B 26 4.45 -8.69 17.46
CA VAL B 26 5.16 -9.91 17.11
C VAL B 26 4.79 -10.95 18.17
N GLU B 27 4.18 -12.07 17.74
CA GLU B 27 3.64 -13.02 18.71
C GLU B 27 4.70 -13.87 19.40
N GLU B 28 5.85 -14.04 18.76
CA GLU B 28 6.97 -14.70 19.43
C GLU B 28 7.73 -13.68 20.27
N GLY B 29 7.72 -13.88 21.58
CA GLY B 29 8.46 -13.01 22.47
C GLY B 29 8.86 -13.72 23.74
N ASN B 30 9.37 -12.98 24.71
CA ASN B 30 9.89 -13.59 25.93
C ASN B 30 8.97 -13.42 27.14
N GLY B 31 7.77 -12.88 26.93
CA GLY B 31 6.82 -12.66 28.01
C GLY B 31 7.06 -11.41 28.82
N VAL B 32 8.14 -10.71 28.54
CA VAL B 32 8.46 -9.48 29.23
C VAL B 32 7.99 -8.29 28.40
N ILE B 33 8.53 -8.21 27.18
CA ILE B 33 8.14 -7.19 26.21
C ILE B 33 7.58 -7.79 24.94
N THR B 34 6.69 -7.02 24.31
CA THR B 34 6.15 -7.38 23.00
C THR B 34 6.70 -6.41 21.97
N ARG B 35 7.42 -6.94 20.98
CA ARG B 35 7.89 -6.15 19.84
C ARG B 35 6.78 -6.00 18.81
N TYR B 36 6.98 -5.10 17.85
CA TYR B 36 5.98 -4.87 16.80
C TYR B 36 6.58 -5.02 15.41
N ARG B 37 5.74 -5.36 14.44
CA ARG B 37 6.20 -5.69 13.09
C ARG B 37 6.90 -4.54 12.40
N TYR B 38 6.41 -3.33 12.62
CA TYR B 38 6.93 -2.15 11.91
C TYR B 38 7.50 -1.12 12.87
N PRO B 39 8.49 -0.36 12.41
CA PRO B 39 8.95 0.81 13.18
C PRO B 39 7.79 1.79 13.38
N VAL B 40 7.83 2.59 14.45
CA VAL B 40 6.85 3.65 14.59
C VAL B 40 7.21 4.90 13.80
N LEU B 41 8.51 5.13 13.59
CA LEU B 41 8.99 6.22 12.72
C LEU B 41 10.25 5.86 11.97
N THR B 42 10.34 6.36 10.73
CA THR B 42 11.53 6.23 9.89
C THR B 42 11.67 7.56 9.17
N ALA B 43 12.78 7.76 8.51
CA ALA B 43 12.98 9.00 7.75
C ALA B 43 11.85 9.21 6.75
N ALA B 44 11.29 8.11 6.24
CA ALA B 44 10.22 8.19 5.25
C ALA B 44 8.92 8.70 5.87
N HIS B 45 8.84 8.70 7.20
CA HIS B 45 7.65 9.19 7.87
C HIS B 45 7.61 10.72 7.95
N THR B 46 8.74 11.39 7.72
CA THR B 46 8.76 12.85 7.75
C THR B 46 7.81 13.35 6.67
N PRO B 47 7.16 14.50 6.91
CA PRO B 47 6.19 15.02 5.94
C PRO B 47 6.75 15.20 4.53
N VAL B 48 5.93 14.94 3.53
CA VAL B 48 6.38 15.16 2.14
C VAL B 48 6.80 16.61 1.94
N PHE B 49 6.11 17.52 2.63
CA PHE B 49 6.36 18.96 2.48
C PHE B 49 7.55 19.47 3.30
N TRP B 50 8.23 18.56 4.00
CA TRP B 50 9.52 18.89 4.60
C TRP B 50 10.61 18.63 3.57
N ARG B 51 10.38 17.66 2.70
CA ARG B 51 11.43 17.14 1.82
C ARG B 51 11.38 17.67 0.39
N TYR B 52 10.17 17.75 -0.16
CA TYR B 52 9.96 18.27 -1.51
C TYR B 52 9.47 19.72 -1.52
N ASP B 53 9.96 20.50 -2.46
CA ASP B 53 9.32 21.75 -2.86
C ASP B 53 8.16 21.34 -3.79
N LEU B 54 6.93 21.64 -3.39
CA LEU B 54 5.78 21.16 -4.14
C LEU B 54 5.35 22.11 -5.26
N ASN B 55 6.14 23.15 -5.48
CA ASN B 55 5.82 24.13 -6.52
C ASN B 55 6.51 23.77 -7.83
N GLU B 56 5.71 23.51 -8.86
CA GLU B 56 6.23 23.12 -10.17
C GLU B 56 7.11 24.21 -10.77
N GLU B 57 6.82 25.45 -10.43
CA GLU B 57 7.58 26.60 -10.95
C GLU B 57 9.04 26.58 -10.48
N THR B 58 9.27 26.17 -9.24
CA THR B 58 10.63 26.15 -8.69
C THR B 58 11.23 24.74 -8.54
N ASN B 59 10.41 23.71 -8.74
CA ASN B 59 10.88 22.31 -8.65
C ASN B 59 10.21 21.46 -9.72
N PRO B 60 10.46 21.76 -11.02
CA PRO B 60 9.73 21.09 -12.10
C PRO B 60 9.97 19.59 -12.18
N PHE B 61 11.15 19.15 -11.74
CA PHE B 61 11.48 17.73 -11.73
C PHE B 61 10.92 17.01 -10.51
N LEU B 62 10.34 17.77 -9.57
CA LEU B 62 9.82 17.24 -8.30
C LEU B 62 10.85 16.35 -7.60
N MET B 63 11.97 16.93 -7.21
CA MET B 63 12.98 16.21 -6.47
C MET B 63 13.02 16.72 -5.05
N GLU B 64 13.54 15.92 -4.13
CA GLU B 64 13.70 16.36 -2.75
C GLU B 64 14.74 17.48 -2.65
N ARG B 65 14.41 18.53 -1.91
CA ARG B 65 15.32 19.66 -1.69
C ARG B 65 16.06 19.51 -0.37
N ILE B 66 15.44 18.83 0.59
CA ILE B 66 16.05 18.63 1.91
C ILE B 66 15.90 17.19 2.30
N GLY B 67 16.98 16.42 2.15
CA GLY B 67 16.94 15.02 2.50
C GLY B 67 16.85 14.76 4.00
N MET B 68 16.04 13.77 4.35
CA MET B 68 15.93 13.32 5.74
C MET B 68 16.57 11.93 5.84
N ASN B 69 17.44 11.74 6.82
CA ASN B 69 18.26 10.54 6.92
C ASN B 69 17.78 9.54 7.97
N ALA B 70 17.35 10.04 9.13
CA ALA B 70 17.04 9.15 10.24
C ALA B 70 16.10 9.81 11.25
N THR B 71 15.32 8.97 11.92
CA THR B 71 14.46 9.41 13.02
C THR B 71 14.77 8.50 14.20
N LEU B 72 15.41 9.04 15.22
CA LEU B 72 15.97 8.20 16.28
C LEU B 72 15.83 8.81 17.66
N ASN B 73 16.42 8.13 18.64
CA ASN B 73 16.52 8.57 20.03
C ASN B 73 15.46 9.57 20.49
N ALA B 74 14.22 9.11 20.57
CA ALA B 74 13.12 10.02 20.83
C ALA B 74 12.77 10.09 22.31
N GLY B 75 12.51 11.29 22.80
CA GLY B 75 11.90 11.43 24.12
C GLY B 75 10.42 11.11 23.96
N ALA B 76 9.70 11.03 25.06
CA ALA B 76 8.28 10.66 24.98
C ALA B 76 7.50 11.22 26.15
N ILE B 77 6.24 11.58 25.87
CA ILE B 77 5.36 12.10 26.89
C ILE B 77 3.91 11.87 26.51
N LYS B 78 3.08 11.59 27.51
CA LYS B 78 1.65 11.52 27.29
C LYS B 78 1.16 12.95 27.36
N TRP B 79 0.43 13.38 26.34
CA TRP B 79 0.07 14.78 26.18
C TRP B 79 -1.36 14.96 25.73
N ASP B 80 -2.18 15.58 26.58
CA ASP B 80 -3.58 15.86 26.28
C ASP B 80 -4.23 14.66 25.58
N GLY B 81 -4.03 13.47 26.15
CA GLY B 81 -4.67 12.27 25.63
C GLY B 81 -3.98 11.57 24.47
N LYS B 82 -2.88 12.14 24.00
CA LYS B 82 -2.18 11.58 22.85
C LYS B 82 -0.82 11.03 23.27
N TYR B 83 -0.23 10.19 22.43
CA TYR B 83 1.11 9.66 22.70
C TYR B 83 2.08 10.42 21.84
N LEU B 84 3.05 11.08 22.48
CA LEU B 84 3.96 11.97 21.75
C LEU B 84 5.39 11.52 21.88
N MET B 85 6.10 11.51 20.75
CA MET B 85 7.53 11.42 20.73
C MET B 85 8.16 12.77 20.42
N LEU B 86 9.28 13.03 21.07
CA LEU B 86 10.10 14.17 20.79
C LEU B 86 11.26 13.58 20.03
N VAL B 87 11.14 13.59 18.70
CA VAL B 87 12.01 12.80 17.85
C VAL B 87 13.30 13.53 17.55
N ARG B 88 14.41 12.80 17.58
CA ARG B 88 15.65 13.33 17.04
C ARG B 88 15.66 13.00 15.55
N VAL B 89 15.55 14.03 14.72
CA VAL B 89 15.52 13.84 13.29
C VAL B 89 16.84 14.29 12.71
N GLU B 90 17.49 13.39 11.98
CA GLU B 90 18.79 13.73 11.38
C GLU B 90 18.60 13.93 9.89
N GLY B 91 18.97 15.11 9.40
CA GLY B 91 18.90 15.39 7.97
C GLY B 91 20.02 14.73 7.19
N ALA B 92 19.90 14.75 5.87
CA ALA B 92 21.00 14.33 5.00
C ALA B 92 22.23 15.20 5.24
N ASP B 93 22.04 16.41 5.78
CA ASP B 93 23.16 17.32 6.03
C ASP B 93 23.94 16.97 7.28
N ARG B 94 23.53 15.88 7.94
CA ARG B 94 24.17 15.33 9.13
C ARG B 94 23.89 16.08 10.43
N LYS B 95 23.08 17.13 10.37
CA LYS B 95 22.65 17.80 11.59
C LYS B 95 21.37 17.16 12.13
N SER B 96 21.24 17.09 13.46
CA SER B 96 19.97 16.68 14.06
C SER B 96 19.20 17.87 14.58
N PHE B 97 17.88 17.74 14.59
CA PHE B 97 17.01 18.73 15.21
C PHE B 97 15.87 18.00 15.87
N PHE B 98 15.07 18.70 16.66
CA PHE B 98 14.00 18.02 17.38
C PHE B 98 12.66 18.24 16.67
N ALA B 99 11.76 17.28 16.77
CA ALA B 99 10.45 17.42 16.17
C ALA B 99 9.42 16.56 16.90
N VAL B 100 8.27 17.15 17.18
CA VAL B 100 7.21 16.41 17.86
C VAL B 100 6.43 15.56 16.86
N ALA B 101 6.13 14.32 17.24
CA ALA B 101 5.26 13.47 16.45
C ALA B 101 4.22 12.87 17.38
N GLU B 102 2.97 12.77 16.93
CA GLU B 102 1.92 12.29 17.83
C GLU B 102 1.10 11.14 17.26
N SER B 103 0.59 10.30 18.16
CA SER B 103 -0.21 9.14 17.80
C SER B 103 -1.40 9.03 18.76
N PRO B 104 -2.56 8.59 18.25
CA PRO B 104 -3.72 8.42 19.13
C PRO B 104 -3.67 7.15 19.98
N ASN B 105 -2.81 6.20 19.65
CA ASN B 105 -2.83 4.88 20.30
C ASN B 105 -1.48 4.40 20.86
N GLY B 106 -0.40 5.02 20.41
CA GLY B 106 0.91 4.72 20.98
C GLY B 106 1.73 3.70 20.22
N ILE B 107 1.10 2.98 19.28
CA ILE B 107 1.85 1.99 18.52
C ILE B 107 1.89 2.22 17.01
N ASP B 108 1.03 3.10 16.50
CA ASP B 108 1.07 3.42 15.08
C ASP B 108 0.41 4.76 14.79
N ASN B 109 0.39 5.15 13.51
CA ASN B 109 -0.22 6.42 13.12
C ASN B 109 0.45 7.59 13.83
N PHE B 110 1.75 7.48 14.05
CA PHE B 110 2.53 8.63 14.47
C PHE B 110 2.69 9.57 13.28
N ARG B 111 2.46 10.85 13.53
CA ARG B 111 2.56 11.87 12.51
C ARG B 111 3.26 13.08 13.08
N PHE B 112 4.23 13.62 12.36
CA PHE B 112 4.92 14.81 12.81
C PHE B 112 4.00 16.03 12.78
N TRP B 113 4.15 16.88 13.78
CA TRP B 113 3.58 18.22 13.74
C TRP B 113 4.18 18.91 12.52
N GLU B 114 3.40 19.79 11.89
CA GLU B 114 3.81 20.35 10.60
C GLU B 114 5.13 21.11 10.66
N TYR B 115 5.39 21.76 11.79
CA TYR B 115 6.70 22.36 12.04
C TYR B 115 7.50 21.59 13.09
N PRO B 116 8.82 21.53 12.91
CA PRO B 116 9.67 20.88 13.92
C PRO B 116 9.88 21.86 15.06
N VAL B 117 10.76 21.51 15.99
CA VAL B 117 11.00 22.33 17.17
C VAL B 117 11.96 23.47 16.91
N THR B 118 11.54 24.69 17.24
CA THR B 118 12.44 25.84 17.24
C THR B 118 13.04 25.99 18.62
N LEU B 119 14.33 25.70 18.72
CA LEU B 119 15.03 25.67 19.98
C LEU B 119 16.06 26.79 20.03
N PRO B 120 15.83 27.79 20.89
CA PRO B 120 16.76 28.91 20.99
C PRO B 120 18.12 28.43 21.49
N GLU B 121 19.17 29.05 20.97
CA GLU B 121 20.52 28.76 21.44
C GLU B 121 20.68 29.29 22.86
N ASP B 122 21.62 28.69 23.60
CA ASP B 122 22.10 29.26 24.85
C ASP B 122 23.19 30.28 24.44
N VAL B 123 23.83 30.92 25.42
CA VAL B 123 24.84 31.92 25.14
C VAL B 123 25.91 31.48 24.14
N VAL B 124 26.37 30.24 24.28
CA VAL B 124 27.31 29.67 23.33
C VAL B 124 26.54 28.77 22.37
N PRO B 125 26.56 29.13 21.07
CA PRO B 125 25.80 28.32 20.10
C PRO B 125 26.30 26.88 20.01
N ALA B 126 25.39 25.97 19.69
CA ALA B 126 25.73 24.56 19.54
C ALA B 126 25.67 24.16 18.07
N THR B 127 26.47 23.17 17.69
CA THR B 127 26.44 22.67 16.33
C THR B 127 25.38 21.61 16.14
N ASN B 128 25.34 20.64 17.05
CA ASN B 128 24.34 19.58 16.99
C ASN B 128 23.60 19.52 18.31
N VAL B 129 22.32 19.19 18.26
CA VAL B 129 21.55 18.96 19.47
C VAL B 129 20.90 17.60 19.33
N TYR B 130 20.84 16.85 20.42
CA TYR B 130 20.27 15.49 20.34
C TYR B 130 19.80 14.87 21.64
N ASP B 131 18.97 13.84 21.49
CA ASP B 131 18.58 12.91 22.56
C ASP B 131 17.83 13.59 23.70
N MET B 132 16.68 14.19 23.41
CA MET B 132 16.02 14.97 24.44
C MET B 132 15.19 14.07 25.34
N ARG B 133 15.33 14.25 26.65
CA ARG B 133 14.49 13.56 27.62
C ARG B 133 13.51 14.56 28.17
N LEU B 134 12.22 14.25 28.01
CA LEU B 134 11.14 15.09 28.53
C LEU B 134 10.75 14.70 29.95
N THR B 135 10.63 15.71 30.81
CA THR B 135 10.17 15.48 32.17
C THR B 135 9.05 16.47 32.50
N ALA B 136 7.86 15.94 32.78
CA ALA B 136 6.78 16.77 33.29
C ALA B 136 7.07 16.87 34.78
N HIS B 137 7.69 17.97 35.17
CA HIS B 137 8.13 18.14 36.55
C HIS B 137 6.97 18.67 37.39
N GLU B 138 7.01 18.42 38.70
CA GLU B 138 5.93 18.89 39.56
C GLU B 138 5.86 20.42 39.64
N ASP B 139 6.91 21.12 39.21
CA ASP B 139 6.88 22.58 39.17
C ASP B 139 6.02 23.15 38.03
N GLY B 140 5.42 22.27 37.24
CA GLY B 140 4.46 22.66 36.22
C GLY B 140 5.05 22.83 34.82
N TRP B 141 6.38 22.75 34.71
CA TRP B 141 7.04 22.84 33.40
C TRP B 141 7.30 21.46 32.78
N ILE B 142 7.30 21.40 31.44
CA ILE B 142 7.90 20.27 30.75
C ILE B 142 9.34 20.65 30.44
N TYR B 143 10.28 19.89 30.99
CA TYR B 143 11.69 20.11 30.73
C TYR B 143 12.15 19.15 29.66
N GLY B 144 12.95 19.66 28.73
CA GLY B 144 13.71 18.83 27.82
C GLY B 144 15.19 18.97 28.14
N ILE B 145 15.81 17.87 28.55
CA ILE B 145 17.24 17.88 28.82
C ILE B 145 17.87 17.10 27.67
N PHE B 146 18.86 17.71 27.05
CA PHE B 146 19.42 17.17 25.80
C PHE B 146 20.94 17.33 25.74
N CYS B 147 21.55 16.80 24.67
CA CYS B 147 22.98 17.00 24.48
C CYS B 147 23.19 18.13 23.51
N ALA B 148 24.02 19.10 23.90
CA ALA B 148 24.42 20.18 23.01
C ALA B 148 25.90 20.02 22.66
N GLU B 149 26.20 19.76 21.39
CA GLU B 149 27.56 19.42 21.00
C GLU B 149 28.24 20.54 20.21
N ARG B 150 29.53 20.76 20.47
CA ARG B 150 30.32 21.79 19.80
C ARG B 150 31.69 21.23 19.41
N HIS B 151 32.35 21.85 18.44
CA HIS B 151 33.69 21.40 18.08
C HIS B 151 34.64 21.73 19.22
N ASP B 152 35.56 20.83 19.52
CA ASP B 152 36.55 21.06 20.57
C ASP B 152 37.62 22.02 20.09
N ASP B 153 37.58 23.24 20.64
CA ASP B 153 38.53 24.30 20.34
C ASP B 153 39.98 23.87 20.57
N ASN B 154 40.20 22.99 21.55
CA ASN B 154 41.54 22.58 21.94
C ASN B 154 42.20 21.62 20.95
N ALA B 155 41.40 21.11 20.00
CA ALA B 155 41.88 20.12 19.03
C ALA B 155 43.01 20.61 18.12
N PRO B 156 43.92 19.70 17.76
CA PRO B 156 45.02 20.01 16.84
C PRO B 156 44.49 20.33 15.43
N ILE B 157 45.16 21.22 14.71
CA ILE B 157 44.71 21.59 13.36
C ILE B 157 44.54 20.36 12.46
N GLY B 158 43.46 20.32 11.69
CA GLY B 158 43.16 19.17 10.88
C GLY B 158 42.19 18.24 11.56
N ASP B 159 42.12 18.32 12.89
CA ASP B 159 41.15 17.52 13.65
C ASP B 159 39.81 18.23 13.64
N LEU B 160 38.90 17.75 12.81
CA LEU B 160 37.58 18.35 12.68
C LEU B 160 36.54 17.44 13.34
N SER B 161 36.99 16.56 14.23
CA SER B 161 36.10 15.55 14.82
C SER B 161 35.99 15.66 16.32
N SER B 162 37.06 16.08 16.97
CA SER B 162 37.05 16.24 18.42
C SER B 162 35.97 17.23 18.83
N ALA B 163 35.15 16.81 19.79
CA ALA B 163 33.94 17.56 20.16
C ALA B 163 33.78 17.61 21.66
N THR B 164 33.02 18.59 22.13
CA THR B 164 32.65 18.71 23.53
C THR B 164 31.15 18.72 23.60
N ALA B 165 30.59 18.37 24.74
CA ALA B 165 29.15 18.39 24.86
C ALA B 165 28.73 18.90 26.22
N THR B 166 27.65 19.69 26.23
CA THR B 166 27.05 20.11 27.49
C THR B 166 25.65 19.55 27.59
N ALA B 167 25.07 19.58 28.80
CA ALA B 167 23.68 19.25 28.96
C ALA B 167 22.85 20.50 28.75
N GLY B 168 22.12 20.54 27.63
CA GLY B 168 21.21 21.64 27.33
C GLY B 168 19.92 21.48 28.11
N ILE B 169 19.36 22.60 28.55
CA ILE B 169 18.15 22.60 29.35
C ILE B 169 17.16 23.58 28.76
N ALA B 170 16.00 23.08 28.38
CA ALA B 170 14.95 23.94 27.84
C ALA B 170 13.67 23.56 28.52
N ARG B 171 12.71 24.47 28.57
CA ARG B 171 11.43 24.12 29.16
C ARG B 171 10.28 24.74 28.38
N THR B 172 9.11 24.13 28.50
CA THR B 172 7.97 24.55 27.73
C THR B 172 6.68 24.16 28.43
N LYS B 173 5.59 24.83 28.06
CA LYS B 173 4.28 24.39 28.50
C LYS B 173 3.39 23.96 27.34
N ASP B 174 3.88 24.07 26.12
CA ASP B 174 3.06 23.63 24.96
C ASP B 174 3.83 22.83 23.91
N LEU B 175 5.12 22.61 24.14
CA LEU B 175 5.99 21.88 23.21
C LEU B 175 6.15 22.63 21.87
N LYS B 176 5.79 23.91 21.84
CA LYS B 176 6.03 24.73 20.65
C LYS B 176 6.91 25.93 20.96
N ASN B 177 6.63 26.59 22.07
CA ASN B 177 7.47 27.69 22.52
C ASN B 177 8.41 27.20 23.64
N TRP B 178 9.70 27.15 23.31
CA TRP B 178 10.71 26.63 24.22
C TRP B 178 11.59 27.74 24.75
N GLU B 179 11.76 27.75 26.06
CA GLU B 179 12.67 28.67 26.70
C GLU B 179 13.97 27.94 26.99
N ARG B 180 15.06 28.49 26.50
CA ARG B 180 16.38 27.89 26.69
C ARG B 180 17.02 28.42 27.96
N LEU B 181 17.19 27.55 28.95
CA LEU B 181 17.87 27.92 30.18
C LEU B 181 19.40 27.77 30.00
N PRO B 182 20.20 28.22 30.98
CA PRO B 182 21.65 28.05 30.76
C PRO B 182 22.12 26.59 30.76
N ASP B 183 23.11 26.27 29.95
CA ASP B 183 23.65 24.90 29.87
C ASP B 183 24.08 24.49 31.27
N LEU B 184 23.92 23.21 31.62
CA LEU B 184 24.36 22.70 32.92
C LEU B 184 25.84 23.00 33.12
N LYS B 185 26.15 23.64 34.23
CA LYS B 185 27.53 23.89 34.59
C LYS B 185 28.03 22.71 35.38
N THR B 186 29.27 22.30 35.08
CA THR B 186 29.79 21.06 35.61
C THR B 186 31.30 21.00 35.39
N LYS B 187 32.01 20.37 36.33
CA LYS B 187 33.46 20.25 36.24
C LYS B 187 33.85 19.16 35.26
N SER B 188 33.18 18.03 35.35
CA SER B 188 33.38 16.95 34.40
C SER B 188 32.33 17.06 33.30
N GLN B 189 32.70 16.66 32.08
CA GLN B 189 31.76 16.63 30.97
C GLN B 189 30.56 15.73 31.30
N GLN B 190 29.37 16.13 30.86
CA GLN B 190 28.15 15.36 31.13
C GLN B 190 27.40 14.96 29.86
N ARG B 191 26.91 13.72 29.85
CA ARG B 191 26.06 13.21 28.79
C ARG B 191 24.93 12.41 29.44
N ASN B 192 23.87 12.16 28.68
CA ASN B 192 22.72 11.39 29.18
C ASN B 192 22.13 11.94 30.49
N VAL B 193 22.03 13.26 30.55
CA VAL B 193 21.48 13.95 31.71
C VAL B 193 19.95 13.92 31.60
N VAL B 194 19.29 13.65 32.71
CA VAL B 194 17.84 13.43 32.72
C VAL B 194 17.24 14.03 34.00
N LEU B 195 16.14 14.78 33.89
CA LEU B 195 15.52 15.37 35.09
C LEU B 195 14.54 14.42 35.79
N HIS B 196 14.77 14.17 37.08
CA HIS B 196 13.83 13.43 37.92
C HIS B 196 12.57 14.27 38.09
N PRO B 197 11.38 13.63 38.07
CA PRO B 197 10.15 14.43 37.99
C PRO B 197 9.66 15.01 39.31
N GLU B 198 10.28 14.63 40.42
CA GLU B 198 9.90 15.19 41.72
C GLU B 198 11.07 15.92 42.34
N PHE B 199 10.77 16.95 43.13
CA PHE B 199 11.77 17.54 43.99
C PHE B 199 12.25 16.49 44.99
N VAL B 200 13.53 16.55 45.34
CA VAL B 200 14.08 15.71 46.39
C VAL B 200 14.82 16.64 47.33
N ASP B 201 14.46 16.59 48.61
CA ASP B 201 14.96 17.55 49.60
C ASP B 201 14.71 18.98 49.12
N GLY B 202 13.58 19.18 48.45
CA GLY B 202 13.20 20.48 47.93
C GLY B 202 14.05 20.96 46.77
N LYS B 203 14.85 20.06 46.19
CA LYS B 203 15.74 20.44 45.10
C LYS B 203 15.43 19.66 43.84
N TYR B 204 15.82 20.21 42.69
CA TYR B 204 15.78 19.46 41.44
C TYR B 204 16.85 18.36 41.48
N ALA B 205 16.56 17.24 40.84
CA ALA B 205 17.46 16.10 40.86
C ALA B 205 17.71 15.65 39.44
N LEU B 206 18.97 15.51 39.08
CA LEU B 206 19.34 15.08 37.74
C LEU B 206 20.01 13.71 37.79
N TYR B 207 19.71 12.87 36.80
CA TYR B 207 20.55 11.72 36.49
C TYR B 207 21.67 12.20 35.58
N THR B 208 22.89 11.76 35.87
CA THR B 208 24.07 12.28 35.20
C THR B 208 24.94 11.11 34.71
N ARG B 209 25.86 11.38 33.80
CA ARG B 209 26.94 10.44 33.49
C ARG B 209 28.20 11.26 33.29
N PRO B 210 28.94 11.50 34.37
CA PRO B 210 30.17 12.27 34.21
C PRO B 210 31.22 11.50 33.41
N GLN B 211 31.99 12.22 32.61
CA GLN B 211 33.01 11.65 31.74
C GLN B 211 34.22 12.55 31.74
N GLY B 221 32.40 6.18 36.15
CA GLY B 221 31.99 5.16 37.12
C GLY B 221 30.61 4.59 36.83
N GLY B 222 29.71 5.44 36.33
CA GLY B 222 28.38 4.99 35.97
C GLY B 222 27.34 6.10 35.88
N ILE B 223 26.09 5.74 36.16
CA ILE B 223 25.00 6.70 36.20
C ILE B 223 24.93 7.37 37.57
N GLY B 224 24.94 8.71 37.55
CA GLY B 224 25.03 9.49 38.77
C GLY B 224 23.79 10.28 39.11
N TRP B 225 23.79 10.82 40.31
CA TRP B 225 22.64 11.55 40.84
C TRP B 225 23.17 12.85 41.40
N ALA B 226 22.58 13.96 40.99
CA ALA B 226 23.04 15.28 41.39
C ALA B 226 21.84 16.16 41.74
N LEU B 227 21.84 16.69 42.97
CA LEU B 227 20.82 17.67 43.35
C LEU B 227 21.24 19.09 42.96
N ILE B 228 20.25 19.85 42.49
CA ILE B 228 20.47 21.15 41.87
C ILE B 228 19.48 22.11 42.51
N ASP B 229 19.96 23.21 43.08
CA ASP B 229 19.07 24.15 43.76
C ASP B 229 18.15 24.88 42.79
N ASP B 230 18.71 25.30 41.67
CA ASP B 230 18.03 26.19 40.74
C ASP B 230 18.18 25.69 39.31
N ILE B 231 17.10 25.18 38.74
CA ILE B 231 17.14 24.66 37.37
C ILE B 231 17.46 25.75 36.36
N THR B 232 17.19 27.01 36.71
CA THR B 232 17.47 28.13 35.82
C THR B 232 18.90 28.64 35.93
N HIS B 233 19.67 28.05 36.84
CA HIS B 233 21.09 28.36 36.95
C HIS B 233 21.79 27.08 37.38
N ALA B 234 21.55 26.03 36.62
CA ALA B 234 21.88 24.67 37.05
C ALA B 234 23.38 24.39 37.08
N GLU B 235 23.85 23.91 38.23
CA GLU B 235 25.25 23.59 38.39
C GLU B 235 25.41 22.39 39.29
N VAL B 236 26.11 21.38 38.81
CA VAL B 236 26.32 20.19 39.64
C VAL B 236 27.41 20.45 40.69
N GLY B 237 27.11 20.03 41.91
CA GLY B 237 28.08 20.07 42.98
C GLY B 237 28.42 18.65 43.36
N GLU B 238 27.75 18.13 44.38
CA GLU B 238 27.92 16.73 44.76
C GLU B 238 27.22 15.81 43.78
N GLU B 239 27.86 14.68 43.51
CA GLU B 239 27.34 13.68 42.59
C GLU B 239 27.50 12.31 43.23
N LYS B 240 26.41 11.55 43.28
CA LYS B 240 26.42 10.22 43.86
C LYS B 240 26.20 9.17 42.77
N ILE B 241 26.97 8.08 42.78
CA ILE B 241 26.76 7.07 41.74
C ILE B 241 25.66 6.10 42.15
N ILE B 242 24.70 5.89 41.24
CA ILE B 242 23.56 5.01 41.47
C ILE B 242 23.79 3.64 40.87
N ASP B 243 24.12 3.60 39.59
CA ASP B 243 24.28 2.32 38.91
C ASP B 243 25.64 2.25 38.23
N LYS B 244 26.43 1.25 38.62
CA LYS B 244 27.83 1.17 38.20
C LYS B 244 28.10 0.32 36.97
N ARG B 245 29.20 0.62 36.30
CA ARG B 245 29.73 -0.24 35.23
C ARG B 245 30.39 -1.44 35.87
N TYR B 246 30.38 -2.58 35.17
CA TYR B 246 31.05 -3.78 35.68
C TYR B 246 31.74 -4.51 34.53
N TYR B 247 32.97 -4.98 34.79
CA TYR B 247 33.68 -5.84 33.84
C TYR B 247 32.84 -7.03 33.40
N HIS B 248 32.82 -7.26 32.09
CA HIS B 248 32.19 -8.40 31.46
C HIS B 248 30.68 -8.48 31.63
N THR B 249 30.06 -7.32 31.81
CA THR B 249 28.62 -7.21 31.70
C THR B 249 28.26 -6.38 30.48
N ILE B 250 26.96 -6.26 30.22
CA ILE B 250 26.48 -5.46 29.11
C ILE B 250 26.75 -3.96 29.28
N LYS B 251 27.13 -3.55 30.49
CA LYS B 251 27.45 -2.15 30.77
C LYS B 251 28.91 -2.03 31.23
N GLU B 252 29.82 -2.51 30.40
CA GLU B 252 31.22 -2.56 30.75
C GLU B 252 31.96 -1.24 30.51
N VAL B 253 31.82 -0.70 29.30
CA VAL B 253 32.59 0.48 28.89
C VAL B 253 31.87 1.78 29.24
N LYS B 254 30.55 1.80 29.02
CA LYS B 254 29.73 2.98 29.27
C LYS B 254 28.35 2.52 29.75
N ASN B 255 27.65 3.42 30.43
CA ASN B 255 26.20 3.26 30.60
C ASN B 255 25.58 4.64 30.64
N GLY B 256 24.26 4.70 30.57
CA GLY B 256 23.59 5.98 30.69
C GLY B 256 22.12 5.79 30.89
N GLU B 257 21.51 6.66 31.70
CA GLU B 257 20.07 6.65 31.91
C GLU B 257 19.35 6.90 30.58
N GLY B 258 18.23 6.23 30.37
CA GLY B 258 17.39 6.53 29.21
C GLY B 258 16.39 7.64 29.51
N PRO B 259 15.08 7.31 29.46
CA PRO B 259 14.06 8.27 29.91
C PRO B 259 14.10 8.41 31.44
N HIS B 260 13.37 9.37 32.00
CA HIS B 260 13.29 9.41 33.46
C HIS B 260 12.49 8.20 33.92
N PRO B 261 12.80 7.69 35.12
CA PRO B 261 12.17 6.46 35.59
C PRO B 261 10.66 6.61 35.84
N ILE B 262 9.98 5.48 35.84
CA ILE B 262 8.55 5.43 36.14
C ILE B 262 8.35 5.12 37.63
N LYS B 263 7.50 5.89 38.29
CA LYS B 263 7.17 5.62 39.69
C LYS B 263 6.19 4.45 39.79
N THR B 264 6.57 3.44 40.56
CA THR B 264 5.69 2.31 40.85
C THR B 264 5.60 2.17 42.37
N PRO B 265 4.61 1.41 42.86
CA PRO B 265 4.51 1.23 44.30
C PRO B 265 5.73 0.52 44.90
N GLN B 266 6.48 -0.18 44.05
CA GLN B 266 7.65 -0.93 44.50
C GLN B 266 8.94 -0.12 44.40
N GLY B 267 8.89 1.04 43.76
CA GLY B 267 10.09 1.84 43.60
C GLY B 267 10.14 2.52 42.25
N TRP B 268 11.24 3.23 41.98
CA TRP B 268 11.45 3.86 40.68
C TRP B 268 11.97 2.82 39.70
N LEU B 269 11.30 2.72 38.57
CA LEU B 269 11.59 1.75 37.53
C LEU B 269 12.43 2.43 36.44
N HIS B 270 13.67 1.94 36.23
CA HIS B 270 14.60 2.65 35.34
C HIS B 270 14.86 1.90 34.05
N LEU B 271 15.04 2.65 32.97
CA LEU B 271 15.46 2.09 31.71
C LEU B 271 16.73 2.83 31.26
N ALA B 272 17.79 2.07 30.99
CA ALA B 272 19.09 2.65 30.65
C ALA B 272 19.69 1.92 29.45
N HIS B 273 20.87 2.37 29.01
CA HIS B 273 21.62 1.60 28.02
C HIS B 273 23.00 1.27 28.55
N GLY B 274 23.53 0.15 28.09
CA GLY B 274 24.88 -0.27 28.45
C GLY B 274 25.69 -0.51 27.20
N VAL B 275 26.98 -0.20 27.26
CA VAL B 275 27.86 -0.34 26.10
C VAL B 275 29.04 -1.26 26.40
N ARG B 276 29.42 -2.07 25.43
CA ARG B 276 30.70 -2.77 25.48
C ARG B 276 31.37 -2.63 24.13
N ASN B 277 32.65 -2.97 24.07
CA ASN B 277 33.38 -2.90 22.81
C ASN B 277 33.56 -4.33 22.31
N CYS B 278 33.41 -4.53 21.01
CA CYS B 278 33.64 -5.83 20.37
C CYS B 278 34.42 -5.61 19.08
N ALA B 279 34.66 -6.67 18.32
CA ALA B 279 35.48 -6.53 17.12
C ALA B 279 34.85 -5.67 16.04
N ALA B 280 33.54 -5.42 16.15
CA ALA B 280 32.82 -4.63 15.18
C ALA B 280 32.59 -3.19 15.63
N GLY B 281 33.07 -2.86 16.82
CA GLY B 281 32.87 -1.53 17.37
C GLY B 281 32.13 -1.59 18.69
N LEU B 282 31.41 -0.51 19.01
CA LEU B 282 30.65 -0.45 20.27
C LEU B 282 29.28 -1.09 20.10
N ARG B 283 28.84 -1.83 21.12
CA ARG B 283 27.54 -2.50 21.09
C ARG B 283 26.67 -1.94 22.20
N TYR B 284 25.49 -1.45 21.84
CA TYR B 284 24.58 -0.81 22.79
C TYR B 284 23.34 -1.68 22.98
N VAL B 285 23.01 -1.97 24.24
CA VAL B 285 21.77 -2.67 24.57
C VAL B 285 21.05 -1.94 25.69
N LEU B 286 19.79 -2.28 25.92
CA LEU B 286 19.01 -1.66 26.99
C LEU B 286 19.01 -2.55 28.23
N TYR B 287 18.97 -1.94 29.41
CA TYR B 287 18.84 -2.71 30.63
C TYR B 287 18.00 -1.92 31.63
N MET B 288 17.51 -2.60 32.67
CA MET B 288 16.69 -1.97 33.69
C MET B 288 17.25 -2.11 35.10
N TYR B 289 16.86 -1.18 35.96
CA TYR B 289 17.18 -1.31 37.36
C TYR B 289 16.11 -0.59 38.17
N MET B 290 16.02 -0.84 39.47
CA MET B 290 15.07 -0.12 40.30
C MET B 290 15.74 0.53 41.50
N THR B 291 15.18 1.66 41.92
CA THR B 291 15.66 2.33 43.12
C THR B 291 14.49 2.58 44.07
N SER B 292 14.84 2.86 45.31
CA SER B 292 13.87 3.01 46.39
C SER B 292 13.07 4.31 46.32
N LEU B 293 11.79 4.23 46.70
CA LEU B 293 10.97 5.43 46.82
C LEU B 293 11.47 6.31 47.96
N ASP B 294 11.84 5.68 49.08
CA ASP B 294 12.34 6.45 50.21
C ASP B 294 13.64 7.16 49.88
N ASP B 295 14.50 6.49 49.14
CA ASP B 295 15.81 7.02 48.77
C ASP B 295 16.07 6.64 47.34
N PRO B 296 15.74 7.53 46.40
CA PRO B 296 15.93 7.24 44.97
C PRO B 296 17.37 7.00 44.57
N THR B 297 18.33 7.17 45.47
CA THR B 297 19.72 6.89 45.14
C THR B 297 20.10 5.44 45.44
N ARG B 298 19.18 4.71 46.05
CA ARG B 298 19.49 3.38 46.54
C ARG B 298 18.96 2.29 45.60
N LEU B 299 19.86 1.45 45.08
CA LEU B 299 19.45 0.34 44.21
C LEU B 299 18.67 -0.70 45.00
N ILE B 300 17.54 -1.16 44.46
CA ILE B 300 16.78 -2.24 45.09
C ILE B 300 16.52 -3.39 44.13
N ALA B 301 16.78 -3.18 42.85
CA ALA B 301 16.69 -4.28 41.89
C ALA B 301 17.71 -4.12 40.77
N SER B 302 18.46 -5.21 40.53
CA SER B 302 19.51 -5.25 39.53
C SER B 302 19.42 -6.55 38.79
N PRO B 303 18.46 -6.67 37.89
CA PRO B 303 18.34 -7.92 37.14
C PRO B 303 19.59 -8.11 36.30
N ALA B 304 20.09 -9.33 36.20
CA ALA B 304 21.28 -9.55 35.39
C ALA B 304 21.01 -9.30 33.90
N GLY B 305 22.04 -8.84 33.19
CA GLY B 305 22.03 -8.85 31.75
C GLY B 305 21.22 -7.77 31.07
N TYR B 306 20.99 -7.94 29.77
CA TYR B 306 20.20 -6.96 29.02
C TYR B 306 18.68 -7.17 29.10
N PHE B 307 17.95 -6.08 29.00
CA PHE B 307 16.51 -6.11 28.97
C PHE B 307 16.07 -6.28 27.50
N MET B 308 16.71 -5.53 26.61
CA MET B 308 16.48 -5.70 25.17
C MET B 308 17.81 -5.51 24.46
N ALA B 309 18.01 -6.26 23.38
CA ALA B 309 19.17 -6.16 22.50
C ALA B 309 18.69 -6.21 21.06
N PRO B 310 19.51 -5.72 20.10
CA PRO B 310 19.05 -5.70 18.71
C PRO B 310 18.64 -7.09 18.18
N VAL B 311 17.44 -7.14 17.60
CA VAL B 311 16.88 -8.35 16.99
C VAL B 311 16.54 -8.04 15.53
N GLY B 312 16.91 -8.94 14.63
CA GLY B 312 16.50 -8.81 13.24
C GLY B 312 16.90 -7.51 12.57
N GLU B 313 15.91 -6.79 12.03
CA GLU B 313 16.14 -5.53 11.32
C GLU B 313 16.81 -4.47 12.21
N GLU B 314 16.62 -4.59 13.52
CA GLU B 314 17.20 -3.64 14.47
C GLU B 314 18.73 -3.65 14.44
N ARG B 315 19.31 -4.76 13.99
CA ARG B 315 20.75 -4.92 14.06
C ARG B 315 21.51 -4.01 13.11
N ILE B 316 20.83 -3.56 12.05
CA ILE B 316 21.48 -2.86 10.94
C ILE B 316 21.00 -1.42 10.79
N GLY B 317 21.93 -0.49 10.59
CA GLY B 317 21.60 0.89 10.28
C GLY B 317 22.85 1.73 10.14
N ASP B 318 22.70 3.05 10.23
CA ASP B 318 23.85 3.94 10.18
C ASP B 318 24.90 3.60 11.23
N VAL B 319 24.45 3.23 12.42
CA VAL B 319 25.35 2.80 13.46
C VAL B 319 24.81 1.48 13.99
N SER B 320 25.22 0.39 13.36
CA SER B 320 24.63 -0.92 13.64
C SER B 320 24.96 -1.40 15.06
N ASN B 321 24.25 -2.44 15.49
CA ASN B 321 24.52 -3.11 16.76
C ASN B 321 24.18 -2.21 17.96
N VAL B 322 23.12 -1.41 17.80
CA VAL B 322 22.71 -0.45 18.82
C VAL B 322 21.20 -0.46 19.07
N LEU B 323 20.80 -0.58 20.32
CA LEU B 323 19.48 -0.12 20.75
C LEU B 323 19.68 1.08 21.69
N PHE B 324 18.77 2.04 21.64
CA PHE B 324 18.86 3.23 22.50
C PHE B 324 17.45 3.71 22.82
N SER B 325 17.19 4.08 24.07
CA SER B 325 15.87 4.64 24.42
C SER B 325 16.01 5.84 25.33
N ASN B 326 15.32 6.92 25.00
CA ASN B 326 15.22 8.04 25.92
C ASN B 326 13.79 8.47 26.11
N GLY B 327 12.86 7.55 25.93
CA GLY B 327 11.45 7.87 26.06
C GLY B 327 10.57 6.65 26.27
N TRP B 328 9.65 6.76 27.22
CA TRP B 328 8.58 5.78 27.37
C TRP B 328 7.37 6.43 28.04
N ILE B 329 6.22 5.79 27.91
CA ILE B 329 4.97 6.26 28.49
C ILE B 329 4.26 5.12 29.23
N ALA B 330 3.85 5.40 30.46
CA ALA B 330 3.07 4.44 31.24
C ALA B 330 1.67 5.00 31.48
N ASP B 331 0.66 4.33 30.96
CA ASP B 331 -0.72 4.77 31.12
C ASP B 331 -1.23 4.47 32.52
N ASP B 332 -2.34 5.11 32.89
CA ASP B 332 -2.93 4.93 34.21
C ASP B 332 -3.25 3.47 34.49
N ASP B 333 -3.60 2.73 33.45
CA ASP B 333 -3.98 1.32 33.60
C ASP B 333 -2.78 0.38 33.72
N GLY B 334 -1.57 0.94 33.67
CA GLY B 334 -0.37 0.14 33.82
C GLY B 334 0.30 -0.26 32.53
N LYS B 335 -0.33 0.02 31.40
CA LYS B 335 0.27 -0.33 30.10
C LYS B 335 1.47 0.58 29.84
N VAL B 336 2.57 0.00 29.35
CA VAL B 336 3.80 0.74 29.11
C VAL B 336 4.19 0.66 27.64
N PHE B 337 4.47 1.81 27.06
CA PHE B 337 4.93 1.93 25.68
C PHE B 337 6.36 2.36 25.73
N ILE B 338 7.26 1.52 25.26
CA ILE B 338 8.69 1.82 25.30
C ILE B 338 9.13 2.24 23.91
N TYR B 339 9.67 3.45 23.79
CA TYR B 339 10.13 3.91 22.48
C TYR B 339 11.63 3.82 22.41
N TYR B 340 12.11 2.96 21.51
CA TYR B 340 13.54 2.71 21.41
C TYR B 340 14.01 2.82 19.96
N ALA B 341 15.18 3.39 19.76
CA ALA B 341 15.75 3.49 18.42
C ALA B 341 16.56 2.25 18.14
N SER B 342 16.67 1.87 16.87
CA SER B 342 17.63 0.84 16.55
C SER B 342 18.66 1.40 15.58
N SER B 343 19.92 1.10 15.87
CA SER B 343 21.04 1.44 14.98
C SER B 343 21.12 2.90 14.55
N ASP B 344 20.67 3.79 15.44
CA ASP B 344 20.64 5.22 15.18
C ASP B 344 19.91 5.63 13.89
N THR B 345 18.92 4.84 13.50
CA THR B 345 18.29 5.00 12.21
C THR B 345 16.77 5.16 12.25
N ARG B 346 16.11 4.41 13.11
CA ARG B 346 14.65 4.36 13.12
C ARG B 346 14.13 4.20 14.54
N MET B 347 12.85 4.48 14.74
CA MET B 347 12.20 4.35 16.03
C MET B 347 11.26 3.15 16.06
N HIS B 348 11.30 2.40 17.16
CA HIS B 348 10.41 1.26 17.40
C HIS B 348 9.61 1.46 18.67
N VAL B 349 8.55 0.66 18.83
CA VAL B 349 7.82 0.60 20.09
C VAL B 349 7.81 -0.84 20.60
N ALA B 350 7.92 -1.00 21.91
CA ALA B 350 7.69 -2.29 22.52
C ALA B 350 6.70 -2.07 23.65
N THR B 351 5.81 -3.02 23.88
CA THR B 351 4.84 -2.85 24.95
C THR B 351 5.00 -3.85 26.08
N SER B 352 4.66 -3.38 27.28
CA SER B 352 4.66 -4.22 28.45
C SER B 352 3.67 -3.62 29.43
N THR B 353 3.77 -4.03 30.69
CA THR B 353 3.01 -3.42 31.77
C THR B 353 3.93 -3.16 32.94
N ILE B 354 3.54 -2.23 33.80
CA ILE B 354 4.29 -1.96 35.01
C ILE B 354 4.49 -3.24 35.81
N GLU B 355 3.42 -4.01 35.99
CA GLU B 355 3.53 -5.26 36.75
C GLU B 355 4.52 -6.23 36.12
N ARG B 356 4.49 -6.35 34.80
CA ARG B 356 5.43 -7.27 34.14
C ARG B 356 6.88 -6.77 34.26
N LEU B 357 7.09 -5.46 34.10
CA LEU B 357 8.43 -4.90 34.17
C LEU B 357 9.00 -5.00 35.59
N VAL B 358 8.14 -4.80 36.58
CA VAL B 358 8.57 -4.95 37.97
C VAL B 358 8.90 -6.41 38.25
N ASP B 359 8.04 -7.33 37.80
CA ASP B 359 8.28 -8.78 37.90
C ASP B 359 9.64 -9.12 37.29
N TYR B 360 9.90 -8.62 36.09
CA TYR B 360 11.15 -8.91 35.39
C TYR B 360 12.33 -8.42 36.22
N CYS B 361 12.21 -7.22 36.76
CA CYS B 361 13.31 -6.62 37.54
C CYS B 361 13.58 -7.38 38.84
N LEU B 362 12.52 -7.80 39.51
CA LEU B 362 12.64 -8.42 40.82
C LEU B 362 13.03 -9.89 40.73
N HIS B 363 12.63 -10.57 39.67
CA HIS B 363 12.78 -12.03 39.66
C HIS B 363 13.76 -12.61 38.64
N THR B 364 14.32 -11.75 37.80
CA THR B 364 15.45 -12.16 36.99
C THR B 364 16.65 -12.14 37.92
N PRO B 365 17.34 -13.28 38.05
CA PRO B 365 18.44 -13.37 39.02
C PRO B 365 19.51 -12.32 38.77
N GLN B 366 20.14 -11.87 39.84
CA GLN B 366 21.20 -10.88 39.74
C GLN B 366 22.44 -11.53 39.18
N ASP B 367 23.26 -10.73 38.52
CA ASP B 367 24.49 -11.23 37.91
C ASP B 367 25.52 -11.57 39.00
N GLY B 368 25.97 -12.83 39.04
CA GLY B 368 27.00 -13.25 39.98
C GLY B 368 28.41 -13.00 39.48
N PHE B 369 28.49 -12.51 38.23
CA PHE B 369 29.71 -11.96 37.64
C PHE B 369 30.73 -12.98 37.10
N SER B 370 30.32 -14.23 36.94
CA SER B 370 31.21 -15.23 36.34
C SER B 370 30.45 -16.36 35.68
N SER B 371 31.14 -17.08 34.81
CA SER B 371 30.54 -18.20 34.12
C SER B 371 30.04 -19.25 35.12
N SER B 372 30.87 -19.57 36.10
CA SER B 372 30.48 -20.54 37.12
C SER B 372 29.20 -20.16 37.85
N ALA B 373 29.09 -18.87 38.20
CA ALA B 373 27.92 -18.35 38.90
C ALA B 373 26.71 -18.43 38.00
N SER B 374 26.88 -18.03 36.74
CA SER B 374 25.80 -18.12 35.78
C SER B 374 25.29 -19.56 35.62
N VAL B 375 26.22 -20.51 35.59
CA VAL B 375 25.86 -21.92 35.47
C VAL B 375 25.08 -22.42 36.70
N GLU B 376 25.50 -22.00 37.87
CA GLU B 376 24.82 -22.44 39.09
C GLU B 376 23.39 -21.90 39.18
N ILE B 377 23.20 -20.64 38.78
CA ILE B 377 21.87 -20.05 38.72
C ILE B 377 21.00 -20.83 37.73
N LEU B 378 21.56 -21.11 36.56
CA LEU B 378 20.85 -21.86 35.54
C LEU B 378 20.49 -23.28 35.99
N LYS B 379 21.47 -24.00 36.53
CA LYS B 379 21.24 -25.35 37.05
C LYS B 379 20.13 -25.38 38.10
N ASN B 380 20.04 -24.33 38.91
CA ASN B 380 18.98 -24.26 39.92
C ASN B 380 17.60 -24.20 39.28
N LEU B 381 17.46 -23.42 38.21
CA LEU B 381 16.19 -23.28 37.50
C LEU B 381 15.84 -24.56 36.76
N ILE B 382 16.83 -25.16 36.09
CA ILE B 382 16.61 -26.40 35.39
C ILE B 382 16.07 -27.45 36.36
N GLU B 383 16.75 -27.59 37.50
CA GLU B 383 16.34 -28.54 38.52
C GLU B 383 14.88 -28.37 38.97
N ARG B 384 14.49 -27.13 39.24
CA ARG B 384 13.10 -26.82 39.61
C ARG B 384 12.15 -27.25 38.49
N ASN B 385 12.46 -26.87 37.25
CA ASN B 385 11.60 -27.19 36.11
C ASN B 385 11.46 -28.67 35.80
N LEU B 386 12.55 -29.42 35.91
CA LEU B 386 12.51 -30.85 35.60
C LEU B 386 11.66 -31.58 36.64
N ARG B 387 11.74 -31.13 37.88
CA ARG B 387 10.95 -31.67 38.98
C ARG B 387 9.47 -31.42 38.71
N LEU B 388 9.17 -30.24 38.21
CA LEU B 388 7.81 -29.86 37.85
C LEU B 388 7.29 -30.69 36.69
N MET B 389 8.09 -30.80 35.63
CA MET B 389 7.67 -31.46 34.39
C MET B 389 7.55 -32.99 34.49
N LYS B 390 8.03 -33.55 35.59
CA LYS B 390 8.07 -35.01 35.74
C LYS B 390 6.69 -35.67 35.71
P PO4 C . -0.06 -20.75 -16.77
O1 PO4 C . -0.15 -22.26 -16.93
O2 PO4 C . -1.21 -20.31 -15.88
O3 PO4 C . 1.23 -20.41 -16.08
O4 PO4 C . -0.12 -20.09 -18.13
P PO4 D . -12.49 7.80 -5.90
O1 PO4 D . -13.35 8.78 -6.67
O2 PO4 D . -12.89 7.79 -4.44
O3 PO4 D . -12.74 6.43 -6.47
O4 PO4 D . -11.04 8.20 -6.02
C1 MPD E . -22.49 -15.90 -14.49
C2 MPD E . -21.93 -14.49 -14.56
O2 MPD E . -21.11 -14.20 -13.39
CM MPD E . -21.00 -14.43 -15.71
C3 MPD E . -23.00 -13.44 -14.85
C4 MPD E . -23.82 -13.78 -16.09
O4 MPD E . -25.17 -13.49 -15.78
C5 MPD E . -23.40 -13.05 -17.38
O6 M1P F . -19.30 -16.40 -18.55
C6 M1P F . -18.59 -16.14 -19.71
C5 M1P F . -19.34 -15.18 -20.58
O5 M1P F . -20.46 -15.84 -21.05
C1 M1P F . -21.23 -15.08 -21.91
O1 M1P F . -20.67 -14.92 -23.18
P M1P F . -21.33 -15.56 -24.46
O1P M1P F . -20.41 -15.40 -25.65
O2P M1P F . -21.59 -17.02 -24.23
O3P M1P F . -22.62 -14.83 -24.77
C2 M1P F . -21.63 -13.79 -21.30
O2 M1P F . -22.55 -14.03 -20.27
C3 M1P F . -20.48 -13.05 -20.73
O3 M1P F . -21.01 -11.97 -20.05
C4 M1P F . -19.70 -13.93 -19.82
O4 M1P F . -18.53 -13.26 -19.48
P PO4 G . 17.96 -12.44 16.27
O1 PO4 G . 17.48 -12.13 17.67
O2 PO4 G . 18.25 -11.16 15.50
O3 PO4 G . 19.24 -13.25 16.37
O4 PO4 G . 16.93 -13.24 15.52
P PO4 H . 1.53 14.66 6.92
O1 PO4 H . 1.84 14.73 5.44
O2 PO4 H . 0.44 13.65 7.16
O3 PO4 H . 2.78 14.25 7.67
O4 PO4 H . 1.10 16.03 7.38
C1 MPD I . 26.97 8.75 14.80
C2 MPD I . 25.50 9.10 14.94
O2 MPD I . 24.78 8.71 13.74
CM MPD I . 24.92 8.27 16.04
C3 MPD I . 25.26 10.55 15.34
C4 MPD I . 26.08 10.99 16.56
O4 MPD I . 26.51 12.32 16.34
C5 MPD I . 25.30 10.92 17.88
O6 M1P J . 25.67 5.63 18.69
C6 M1P J . 25.11 5.11 19.85
C5 M1P J . 24.75 6.22 20.78
O5 M1P J . 25.93 6.78 21.24
C1 M1P J . 25.74 7.80 22.16
O1 M1P J . 25.28 7.38 23.41
P M1P J . 26.21 7.49 24.68
O1P M1P J . 25.51 6.88 25.87
O2P M1P J . 27.51 6.77 24.42
O3P M1P J . 26.48 8.94 24.97
C2 M1P J . 24.88 8.88 21.64
O2 M1P J . 25.57 9.61 20.68
C3 M1P J . 23.62 8.39 21.04
O3 M1P J . 23.06 9.47 20.40
C4 M1P J . 23.86 7.23 20.12
O4 M1P J . 22.63 6.65 19.84
#